data_5U89
#
_entry.id   5U89
#
_cell.length_a   119.510
_cell.length_b   119.510
_cell.length_c   589.647
_cell.angle_alpha   90.00
_cell.angle_beta   90.00
_cell.angle_gamma   120.00
#
_symmetry.space_group_name_H-M   'P 65 2 2'
#
loop_
_entity.id
_entity.type
_entity.pdbx_description
1 polymer 'Amino acid adenylation domain protein'
2 polymer 'MbtH domain protein'
3 non-polymer "5'-({[(2R)-3-amino-2-{[2-({N-[(2R)-2-hydroxy-3,3-dimethyl-4-(phosphonooxy)butanoyl]-beta-alanyl}amino)ethyl]sulfanyl}propyl]sulfonyl}amino)-5'-deoxyadenosine"
#
loop_
_entity_poly.entity_id
_entity_poly.type
_entity_poly.pdbx_seq_one_letter_code
_entity_poly.pdbx_strand_id
1 'polypeptide(L)'
;GAMEEERHQVLKKWNETAHPHPEENFLQLFEKQAERIPEAIAVICEDQALSYTELNQQANRLAHFLMEYGVGPEQYVALA
LPRSAEMVIAMLAVLKTGAAYLPLDLDYPDERIAFMLEDTKPVCIVTSSSVQSKLSHFPSCSTIILDHPETEQAIKHYPD
TNVPKTQSPLHPAYVIYTSGSTGKPKGVVVPFHSLNNFLLAMREKFALKEHDRLLAVTTIAFDISALEIFLPLISGASLV
VAKKETIQDPQALAAVISDKEITIMQATPTLWHMLVTHHPDCIAGLRVLVGGEALSSGLASALHRLACEVTNLYGPTETT
IWSTMSPLHPDDARAPSIGRPIWNTQVYVLDEQLQPVPPGVVGELYIAGSGLARGYLRRPDLTAERFVANPYGPPGSRMY
RTGDLVRWRMDGSLDYIGRVDHQIKLRGFRIEIGEIEAVLSQCDLVERALVVAREDQPGDQRLVAYVIPCEQSKGTLDLA
ELRRYVSERLPDYMVPSAFMVLNEFPLTPNGKIDRKALPAPDFTMTVKGRKPRNPQEEILCELFAEVLEIPVVGIDDHFF
ELGGHSLLAARLISRIRDVLGVEITIGKLFASPTVASLVKHLEDAENRKPPVKAYACKEDIPLSFAQRRLWFLYHLEGPS
PTYNIPVVVHLTGELHYQALQQALYDVIERHEPLRTIFPEHSGASRQVILEPHQARPELMIKEISESELSDELNAAVRYR
FDLAAEPAIRAQLFVLGPNRHVLLLLMHHMIVDGWSLTPLTRDIAAAYNAHCRNQKVEWAPLPVKYADYALWQQEILGDE
TNPDSLIAKQLDYWKKTLAGLPEELELPTDYPRPAESSYEGGIVDFCMDAELHKRLLDLARENKASLFMVLQAGFAAFLT
RLGAGTDIPIGSPIAGRNDDSLEHLVGLFINTLVLRMDTSGNPSFRELLGRVREVNLSAYENQDIPFERLVEILNPVRSR
AKHPLFQVMFVFQNTPEPKLELQGLESRLEIRSVGTAKFDLTLELRERRGEDGSPDGLIGLFEYSRDLFDHTTVEAFAKR
LCQLLREVVMNPDLPIGQIDMLLPEERKKLLAAAENLYFQ
;
A
2 'polypeptide(L)'
;GAMGMTNPFENKEGTYLVLINDEGQYSLWPASIAIPPGWNIAFAENTRSACLDYINAHWIDMRPNSLKDGSLSKRDNDYS
GVK
;
B
#
# COMPACT_ATOMS: atom_id res chain seq x y z
N GLU A 5 -28.71 27.12 -40.69
CA GLU A 5 -28.18 25.96 -41.40
C GLU A 5 -28.08 24.77 -40.45
N GLU A 6 -26.86 24.39 -40.09
CA GLU A 6 -26.63 23.29 -39.17
C GLU A 6 -26.22 23.83 -37.81
N ARG A 7 -26.00 25.15 -37.75
CA ARG A 7 -25.65 25.81 -36.51
C ARG A 7 -26.83 25.76 -35.54
N HIS A 8 -28.04 25.69 -36.09
CA HIS A 8 -29.25 25.59 -35.29
C HIS A 8 -29.31 24.29 -34.50
N GLN A 9 -28.69 23.24 -35.05
CA GLN A 9 -28.73 21.92 -34.44
C GLN A 9 -27.80 21.80 -33.23
N VAL A 10 -26.59 22.35 -33.36
CA VAL A 10 -25.61 22.24 -32.29
C VAL A 10 -25.84 23.27 -31.19
N LEU A 11 -26.82 24.15 -31.39
CA LEU A 11 -27.15 25.17 -30.40
C LEU A 11 -28.49 24.90 -29.74
N LYS A 12 -29.50 24.64 -30.55
CA LYS A 12 -30.87 24.51 -30.05
C LYS A 12 -31.35 23.06 -29.99
N LYS A 13 -31.15 22.33 -31.08
CA LYS A 13 -31.70 20.97 -31.19
C LYS A 13 -31.13 20.01 -30.16
N TRP A 14 -29.82 20.04 -29.97
CA TRP A 14 -29.15 19.12 -29.06
C TRP A 14 -29.14 19.63 -27.62
N ASN A 15 -29.64 20.84 -27.42
CA ASN A 15 -29.74 21.42 -26.09
C ASN A 15 -31.18 21.63 -25.67
N GLU A 16 -32.07 20.80 -26.20
CA GLU A 16 -33.48 20.85 -25.82
C GLU A 16 -33.68 20.22 -24.44
N THR A 17 -33.03 20.81 -23.44
CA THR A 17 -33.12 20.34 -22.07
C THR A 17 -33.67 21.44 -21.17
N ALA A 18 -34.99 21.49 -21.04
CA ALA A 18 -35.62 22.55 -20.27
C ALA A 18 -36.86 22.05 -19.52
N HIS A 19 -36.73 21.91 -18.21
CA HIS A 19 -37.86 21.52 -17.36
C HIS A 19 -38.12 22.57 -16.30
N PRO A 20 -39.37 23.05 -16.23
CA PRO A 20 -39.78 23.96 -15.15
C PRO A 20 -40.06 23.19 -13.87
N HIS A 21 -39.43 23.59 -12.77
CA HIS A 21 -39.62 22.90 -11.49
C HIS A 21 -41.08 22.94 -11.06
N PRO A 22 -41.62 21.78 -10.65
CA PRO A 22 -43.02 21.67 -10.21
C PRO A 22 -43.24 22.21 -8.79
N GLU A 23 -42.63 23.37 -8.49
CA GLU A 23 -42.78 24.02 -7.19
C GLU A 23 -42.46 23.09 -6.02
N GLU A 24 -41.38 22.31 -6.17
CA GLU A 24 -41.01 21.32 -5.16
C GLU A 24 -39.50 21.25 -4.95
N ASN A 25 -39.06 21.64 -3.75
CA ASN A 25 -37.66 21.45 -3.36
C ASN A 25 -37.38 19.98 -3.10
N PHE A 26 -36.11 19.60 -3.10
CA PHE A 26 -35.74 18.23 -2.78
C PHE A 26 -36.00 17.97 -1.30
N LEU A 27 -35.80 19.01 -0.49
CA LEU A 27 -36.13 18.96 0.93
C LEU A 27 -37.60 18.62 1.14
N GLN A 28 -38.47 19.32 0.42
CA GLN A 28 -39.91 19.12 0.53
C GLN A 28 -40.30 17.71 0.09
N LEU A 29 -39.58 17.19 -0.89
CA LEU A 29 -39.76 15.80 -1.32
C LEU A 29 -39.40 14.87 -0.18
N PHE A 30 -38.32 15.18 0.52
CA PHE A 30 -37.90 14.38 1.67
C PHE A 30 -38.96 14.39 2.79
N GLU A 31 -39.52 15.56 3.06
CA GLU A 31 -40.54 15.71 4.08
C GLU A 31 -41.81 14.95 3.72
N LYS A 32 -42.23 15.09 2.46
CA LYS A 32 -43.39 14.36 1.96
C LYS A 32 -43.16 12.85 2.09
N GLN A 33 -41.92 12.42 1.80
CA GLN A 33 -41.56 11.02 1.95
C GLN A 33 -41.68 10.57 3.40
N ALA A 34 -41.18 11.39 4.31
CA ALA A 34 -41.24 11.10 5.75
C ALA A 34 -42.68 10.95 6.21
N GLU A 35 -43.56 11.81 5.68
CA GLU A 35 -44.97 11.72 5.99
C GLU A 35 -45.58 10.44 5.42
N ARG A 36 -45.14 10.07 4.21
CA ARG A 36 -45.67 8.89 3.52
C ARG A 36 -45.24 7.59 4.19
N ILE A 37 -43.94 7.40 4.33
CA ILE A 37 -43.40 6.17 4.91
C ILE A 37 -42.58 6.47 6.16
N PRO A 38 -43.25 6.58 7.32
CA PRO A 38 -42.61 7.00 8.58
C PRO A 38 -41.64 5.98 9.16
N GLU A 39 -42.00 4.70 9.08
CA GLU A 39 -41.19 3.65 9.69
C GLU A 39 -40.16 3.07 8.72
N ALA A 40 -40.02 3.71 7.57
CA ALA A 40 -39.07 3.26 6.55
C ALA A 40 -37.64 3.60 6.97
N ILE A 41 -36.70 2.74 6.60
CA ILE A 41 -35.30 2.93 6.94
C ILE A 41 -34.66 3.99 6.04
N ALA A 42 -34.10 5.02 6.66
CA ALA A 42 -33.52 6.14 5.92
C ALA A 42 -32.01 6.07 5.86
N VAL A 43 -31.36 5.91 7.01
CA VAL A 43 -29.91 5.89 7.07
C VAL A 43 -29.37 4.77 7.96
N ILE A 44 -28.50 3.94 7.38
CA ILE A 44 -27.78 2.91 8.13
C ILE A 44 -26.29 3.23 8.19
N CYS A 45 -25.72 3.19 9.38
CA CYS A 45 -24.29 3.41 9.55
C CYS A 45 -23.75 2.51 10.65
N GLU A 46 -22.85 1.61 10.27
CA GLU A 46 -22.30 0.60 11.18
C GLU A 46 -23.42 -0.24 11.80
N ASP A 47 -23.57 -0.14 13.12
CA ASP A 47 -24.60 -0.89 13.82
C ASP A 47 -25.93 -0.14 13.83
N GLN A 48 -25.86 1.16 14.12
CA GLN A 48 -27.07 1.97 14.28
C GLN A 48 -27.80 2.19 12.95
N ALA A 49 -29.10 2.47 13.06
CA ALA A 49 -29.93 2.78 11.90
C ALA A 49 -31.01 3.77 12.28
N LEU A 50 -31.36 4.65 11.34
CA LEU A 50 -32.40 5.65 11.58
C LEU A 50 -33.53 5.52 10.58
N SER A 51 -34.74 5.86 11.03
CA SER A 51 -35.90 5.87 10.15
C SER A 51 -36.04 7.25 9.51
N TYR A 52 -36.99 7.39 8.60
CA TYR A 52 -37.25 8.67 7.97
C TYR A 52 -37.78 9.68 8.99
N THR A 53 -38.67 9.21 9.86
CA THR A 53 -39.27 10.06 10.88
C THR A 53 -38.23 10.58 11.88
N GLU A 54 -37.38 9.68 12.38
CA GLU A 54 -36.35 10.06 13.33
C GLU A 54 -35.39 11.09 12.72
N LEU A 55 -34.91 10.77 11.52
CA LEU A 55 -34.01 11.65 10.77
C LEU A 55 -34.63 13.04 10.59
N ASN A 56 -35.84 13.07 10.06
CA ASN A 56 -36.54 14.33 9.80
C ASN A 56 -36.76 15.14 11.08
N GLN A 57 -37.18 14.47 12.14
CA GLN A 57 -37.46 15.14 13.40
C GLN A 57 -36.21 15.74 14.04
N GLN A 58 -35.15 14.94 14.13
CA GLN A 58 -33.90 15.42 14.71
C GLN A 58 -33.34 16.57 13.87
N ALA A 59 -33.45 16.44 12.55
CA ALA A 59 -33.02 17.50 11.64
C ALA A 59 -33.82 18.78 11.90
N ASN A 60 -35.11 18.64 12.15
CA ASN A 60 -35.96 19.79 12.41
C ASN A 60 -35.62 20.48 13.73
N ARG A 61 -35.43 19.69 14.79
CA ARG A 61 -35.06 20.25 16.09
C ARG A 61 -33.73 20.98 15.99
N LEU A 62 -32.76 20.35 15.33
CA LEU A 62 -31.46 20.97 15.13
C LEU A 62 -31.58 22.25 14.31
N ALA A 63 -32.52 22.24 13.37
CA ALA A 63 -32.77 23.39 12.52
C ALA A 63 -33.30 24.58 13.32
N HIS A 64 -34.30 24.33 14.17
CA HIS A 64 -34.87 25.39 15.00
C HIS A 64 -33.84 25.88 16.02
N PHE A 65 -33.02 24.96 16.52
CA PHE A 65 -31.94 25.30 17.44
C PHE A 65 -30.95 26.26 16.80
N LEU A 66 -30.42 25.88 15.64
CA LEU A 66 -29.47 26.72 14.91
C LEU A 66 -30.11 28.04 14.49
N MET A 67 -31.41 28.00 14.20
CA MET A 67 -32.14 29.19 13.80
C MET A 67 -32.22 30.18 14.96
N GLU A 68 -32.47 29.65 16.15
CA GLU A 68 -32.47 30.47 17.36
C GLU A 68 -31.08 30.97 17.70
N TYR A 69 -30.07 30.19 17.31
CA TYR A 69 -28.68 30.55 17.56
C TYR A 69 -28.27 31.82 16.79
N GLY A 70 -28.95 32.06 15.68
CA GLY A 70 -28.71 33.26 14.89
C GLY A 70 -28.20 32.97 13.49
N VAL A 71 -28.50 31.78 13.00
CA VAL A 71 -28.03 31.35 11.69
C VAL A 71 -29.08 31.56 10.61
N GLY A 72 -28.69 32.24 9.53
CA GLY A 72 -29.59 32.51 8.42
C GLY A 72 -28.90 32.44 7.08
N PRO A 73 -29.61 32.82 6.00
CA PRO A 73 -29.09 32.82 4.64
C PRO A 73 -27.81 33.64 4.50
N GLU A 74 -26.99 33.30 3.50
CA GLU A 74 -25.69 33.95 3.25
C GLU A 74 -24.72 33.78 4.42
N GLN A 75 -25.02 32.84 5.32
CA GLN A 75 -24.11 32.50 6.41
C GLN A 75 -23.67 31.04 6.30
N TYR A 76 -22.42 30.77 6.66
CA TYR A 76 -21.89 29.43 6.58
C TYR A 76 -21.71 28.83 7.96
N VAL A 77 -22.00 27.54 8.09
CA VAL A 77 -21.65 26.83 9.32
C VAL A 77 -20.78 25.61 8.99
N ALA A 78 -19.66 25.48 9.68
CA ALA A 78 -18.72 24.41 9.41
C ALA A 78 -19.23 23.09 9.96
N LEU A 79 -19.00 22.01 9.21
CA LEU A 79 -19.40 20.68 9.63
C LEU A 79 -18.20 19.79 9.90
N ALA A 80 -17.51 20.05 11.02
CA ALA A 80 -16.38 19.21 11.43
C ALA A 80 -16.88 17.98 12.18
N LEU A 81 -17.58 17.12 11.46
CA LEU A 81 -18.22 15.94 12.06
C LEU A 81 -17.62 14.65 11.51
N PRO A 82 -17.77 13.54 12.27
CA PRO A 82 -17.36 12.24 11.76
C PRO A 82 -18.35 11.69 10.75
N ARG A 83 -17.91 10.80 9.86
CA ARG A 83 -18.81 10.16 8.92
C ARG A 83 -19.79 9.28 9.69
N SER A 84 -21.02 9.76 9.81
CA SER A 84 -22.05 9.08 10.58
C SER A 84 -23.44 9.58 10.20
N ALA A 85 -24.45 9.17 10.95
CA ALA A 85 -25.81 9.67 10.71
C ALA A 85 -25.90 11.13 11.16
N GLU A 86 -25.07 11.49 12.12
CA GLU A 86 -25.04 12.83 12.67
C GLU A 86 -24.69 13.88 11.62
N MET A 87 -23.84 13.52 10.66
CA MET A 87 -23.46 14.47 9.63
C MET A 87 -24.61 14.67 8.65
N VAL A 88 -25.36 13.60 8.38
CA VAL A 88 -26.54 13.68 7.53
C VAL A 88 -27.58 14.60 8.17
N ILE A 89 -27.89 14.32 9.43
CA ILE A 89 -28.77 15.17 10.22
C ILE A 89 -28.31 16.63 10.19
N ALA A 90 -27.00 16.81 10.37
CA ALA A 90 -26.41 18.14 10.39
C ALA A 90 -26.65 18.90 9.10
N MET A 91 -26.10 18.41 7.99
CA MET A 91 -26.20 19.11 6.72
C MET A 91 -27.65 19.29 6.28
N LEU A 92 -28.50 18.30 6.60
CA LEU A 92 -29.92 18.41 6.29
C LEU A 92 -30.57 19.55 7.06
N ALA A 93 -30.28 19.62 8.36
CA ALA A 93 -30.79 20.69 9.21
C ALA A 93 -30.32 22.06 8.73
N VAL A 94 -29.04 22.16 8.38
CA VAL A 94 -28.48 23.40 7.88
C VAL A 94 -29.14 23.82 6.58
N LEU A 95 -29.44 22.86 5.72
CA LEU A 95 -30.19 23.15 4.50
C LEU A 95 -31.58 23.65 4.85
N LYS A 96 -32.15 23.12 5.93
CA LYS A 96 -33.49 23.53 6.35
C LYS A 96 -33.53 24.96 6.90
N THR A 97 -32.46 25.37 7.61
CA THR A 97 -32.46 26.69 8.23
C THR A 97 -32.29 27.81 7.19
N GLY A 98 -31.93 27.43 5.97
CA GLY A 98 -31.78 28.40 4.89
C GLY A 98 -30.35 28.84 4.65
N ALA A 99 -29.46 28.43 5.54
CA ALA A 99 -28.06 28.81 5.44
C ALA A 99 -27.27 27.82 4.59
N ALA A 100 -25.96 28.02 4.52
CA ALA A 100 -25.08 27.13 3.78
C ALA A 100 -24.11 26.45 4.73
N TYR A 101 -23.72 25.23 4.38
CA TYR A 101 -22.80 24.47 5.20
C TYR A 101 -21.43 24.33 4.53
N LEU A 102 -20.37 24.46 5.33
CA LEU A 102 -19.02 24.23 4.86
C LEU A 102 -18.57 22.86 5.31
N PRO A 103 -18.54 21.89 4.38
CA PRO A 103 -18.12 20.52 4.72
C PRO A 103 -16.63 20.44 5.00
N LEU A 104 -16.26 19.92 6.16
CA LEU A 104 -14.87 19.75 6.53
C LEU A 104 -14.52 18.28 6.71
N ASP A 105 -13.48 17.82 6.01
CA ASP A 105 -12.90 16.51 6.28
C ASP A 105 -11.62 16.71 7.06
N LEU A 106 -11.54 16.06 8.22
CA LEU A 106 -10.50 16.35 9.20
C LEU A 106 -9.19 15.62 8.91
N ASP A 107 -9.23 14.69 7.95
CA ASP A 107 -8.05 13.95 7.56
C ASP A 107 -7.06 14.84 6.82
N TYR A 108 -7.59 15.86 6.14
CA TYR A 108 -6.78 16.85 5.44
C TYR A 108 -5.85 17.59 6.39
N PRO A 109 -4.72 18.11 5.88
CA PRO A 109 -3.76 18.86 6.68
C PRO A 109 -4.41 19.99 7.48
N ASP A 110 -3.88 20.25 8.68
CA ASP A 110 -4.43 21.30 9.55
C ASP A 110 -4.36 22.67 8.88
N GLU A 111 -3.31 22.87 8.07
CA GLU A 111 -3.11 24.13 7.38
C GLU A 111 -4.23 24.42 6.39
N ARG A 112 -4.69 23.39 5.69
CA ARG A 112 -5.73 23.54 4.68
C ARG A 112 -7.10 23.77 5.32
N ILE A 113 -7.38 23.08 6.41
CA ILE A 113 -8.62 23.28 7.14
C ILE A 113 -8.66 24.69 7.73
N ALA A 114 -7.54 25.09 8.33
CA ALA A 114 -7.41 26.43 8.90
C ALA A 114 -7.57 27.48 7.80
N PHE A 115 -7.08 27.17 6.61
CA PHE A 115 -7.23 28.06 5.47
C PHE A 115 -8.70 28.18 5.07
N MET A 116 -9.40 27.04 5.00
CA MET A 116 -10.83 27.05 4.69
C MET A 116 -11.62 27.88 5.69
N LEU A 117 -11.33 27.70 6.97
CA LEU A 117 -12.04 28.42 8.02
C LEU A 117 -11.74 29.91 7.98
N GLU A 118 -10.46 30.27 7.84
CA GLU A 118 -10.06 31.67 7.83
C GLU A 118 -10.56 32.39 6.57
N ASP A 119 -10.75 31.63 5.49
CA ASP A 119 -11.22 32.19 4.24
C ASP A 119 -12.74 32.35 4.22
N THR A 120 -13.45 31.30 4.63
CA THR A 120 -14.91 31.31 4.64
C THR A 120 -15.43 32.19 5.77
N LYS A 121 -14.76 32.12 6.92
CA LYS A 121 -15.19 32.83 8.13
C LYS A 121 -16.63 32.49 8.50
N PRO A 122 -16.87 31.24 8.93
CA PRO A 122 -18.24 30.81 9.27
C PRO A 122 -18.71 31.37 10.60
N VAL A 123 -20.02 31.38 10.82
CA VAL A 123 -20.59 31.89 12.05
C VAL A 123 -20.25 30.99 13.23
N CYS A 124 -20.43 29.69 13.05
CA CYS A 124 -20.13 28.72 14.11
C CYS A 124 -19.70 27.38 13.53
N ILE A 125 -18.91 26.65 14.31
CA ILE A 125 -18.49 25.31 13.93
C ILE A 125 -19.18 24.27 14.79
N VAL A 126 -20.03 23.46 14.17
CA VAL A 126 -20.62 22.33 14.90
C VAL A 126 -19.69 21.14 14.75
N THR A 127 -19.66 20.30 15.79
CA THR A 127 -18.72 19.19 15.82
C THR A 127 -19.10 18.17 16.87
N SER A 128 -18.41 17.03 16.83
CA SER A 128 -18.61 15.95 17.80
C SER A 128 -17.44 15.90 18.76
N SER A 129 -17.62 15.20 19.88
CA SER A 129 -16.55 15.05 20.86
C SER A 129 -15.41 14.20 20.31
N SER A 130 -15.74 13.34 19.35
CA SER A 130 -14.76 12.47 18.71
C SER A 130 -13.75 13.26 17.91
N VAL A 131 -14.11 14.51 17.58
CA VAL A 131 -13.35 15.31 16.64
C VAL A 131 -12.92 16.65 17.24
N GLN A 132 -13.64 17.11 18.25
CA GLN A 132 -13.44 18.45 18.82
C GLN A 132 -12.00 18.72 19.25
N SER A 133 -11.24 17.67 19.51
CA SER A 133 -9.84 17.80 19.89
C SER A 133 -8.97 18.15 18.69
N LYS A 134 -9.37 17.70 17.51
CA LYS A 134 -8.60 17.90 16.30
C LYS A 134 -8.60 19.35 15.84
N LEU A 135 -9.54 20.14 16.36
CA LEU A 135 -9.72 21.51 15.91
C LEU A 135 -8.98 22.54 16.75
N SER A 136 -7.93 23.13 16.18
CA SER A 136 -7.28 24.30 16.77
C SER A 136 -8.01 25.54 16.27
N HIS A 137 -9.19 25.79 16.81
CA HIS A 137 -10.10 26.80 16.29
C HIS A 137 -9.60 28.22 16.46
N PHE A 138 -10.08 29.11 15.60
CA PHE A 138 -9.79 30.54 15.68
C PHE A 138 -10.85 31.23 16.53
N PRO A 139 -10.51 32.37 17.14
CA PRO A 139 -11.48 33.10 17.96
C PRO A 139 -12.54 33.84 17.15
N SER A 140 -12.54 33.61 15.84
CA SER A 140 -13.50 34.28 14.94
C SER A 140 -14.90 33.71 15.13
N CYS A 141 -15.00 32.48 15.61
CA CYS A 141 -16.29 31.82 15.77
C CYS A 141 -16.32 30.85 16.94
N SER A 142 -17.52 30.60 17.46
CA SER A 142 -17.70 29.66 18.56
C SER A 142 -17.86 28.24 18.04
N THR A 143 -17.72 27.26 18.93
CA THR A 143 -17.83 25.86 18.54
C THR A 143 -18.92 25.14 19.31
N ILE A 144 -19.92 24.65 18.59
CA ILE A 144 -21.01 23.90 19.19
C ILE A 144 -20.73 22.39 19.14
N ILE A 145 -20.71 21.75 20.30
CA ILE A 145 -20.47 20.31 20.37
C ILE A 145 -21.79 19.56 20.54
N LEU A 146 -22.19 18.85 19.49
CA LEU A 146 -23.48 18.16 19.48
C LEU A 146 -23.56 17.02 20.49
N ASP A 147 -22.41 16.49 20.88
CA ASP A 147 -22.36 15.37 21.83
C ASP A 147 -22.59 15.83 23.25
N HIS A 148 -22.16 17.05 23.55
CA HIS A 148 -22.25 17.62 24.89
C HIS A 148 -23.67 17.53 25.44
N PRO A 149 -23.81 16.92 26.63
CA PRO A 149 -25.11 16.68 27.28
C PRO A 149 -25.93 17.95 27.43
N GLU A 150 -25.27 19.07 27.71
CA GLU A 150 -25.94 20.36 27.80
C GLU A 150 -26.51 20.77 26.45
N THR A 151 -25.65 20.76 25.43
CA THR A 151 -26.07 21.07 24.07
C THR A 151 -27.12 20.08 23.59
N GLU A 152 -26.84 18.79 23.78
CA GLU A 152 -27.74 17.72 23.35
C GLU A 152 -29.14 17.88 23.96
N GLN A 153 -29.19 18.19 25.25
CA GLN A 153 -30.46 18.39 25.93
C GLN A 153 -31.12 19.68 25.47
N ALA A 154 -30.28 20.64 25.06
CA ALA A 154 -30.79 21.92 24.58
C ALA A 154 -31.51 21.74 23.24
N ILE A 155 -30.98 20.85 22.40
CA ILE A 155 -31.58 20.57 21.10
C ILE A 155 -33.02 20.07 21.23
N LYS A 156 -33.29 19.27 22.25
CA LYS A 156 -34.57 18.58 22.37
C LYS A 156 -35.69 19.47 22.90
N HIS A 157 -35.37 20.74 23.16
CA HIS A 157 -36.37 21.68 23.64
C HIS A 157 -36.78 22.60 22.50
N TYR A 158 -36.80 22.03 21.30
CA TYR A 158 -37.18 22.75 20.09
C TYR A 158 -38.08 21.86 19.24
N PRO A 159 -39.03 22.48 18.51
CA PRO A 159 -40.05 21.77 17.73
C PRO A 159 -39.46 20.75 16.74
N ASP A 160 -40.16 19.64 16.57
CA ASP A 160 -39.75 18.61 15.61
C ASP A 160 -40.60 18.70 14.34
N THR A 161 -41.24 19.84 14.15
CA THR A 161 -42.09 20.08 12.99
C THR A 161 -41.28 20.69 11.84
N ASN A 162 -41.82 20.60 10.63
CA ASN A 162 -41.15 21.17 9.46
C ASN A 162 -41.04 22.68 9.55
N VAL A 163 -40.14 23.25 8.75
CA VAL A 163 -39.93 24.69 8.76
C VAL A 163 -40.46 25.34 7.48
N PRO A 164 -40.84 26.62 7.55
CA PRO A 164 -41.25 27.37 6.35
C PRO A 164 -40.13 27.40 5.31
N LYS A 165 -40.50 27.41 4.03
CA LYS A 165 -39.50 27.37 2.96
C LYS A 165 -39.47 28.66 2.15
N THR A 166 -39.74 29.78 2.80
CA THR A 166 -39.75 31.07 2.13
C THR A 166 -38.34 31.64 2.00
N GLN A 167 -37.48 30.94 1.27
CA GLN A 167 -36.11 31.39 1.03
C GLN A 167 -35.83 31.58 -0.46
N SER A 168 -34.90 32.47 -0.77
CA SER A 168 -34.46 32.68 -2.15
C SER A 168 -33.57 31.54 -2.62
N PRO A 169 -33.70 31.16 -3.89
CA PRO A 169 -32.90 30.06 -4.46
C PRO A 169 -31.51 30.52 -4.94
N LEU A 170 -31.23 31.81 -4.83
CA LEU A 170 -29.94 32.35 -5.26
C LEU A 170 -28.93 32.33 -4.14
N HIS A 171 -29.41 32.19 -2.90
CA HIS A 171 -28.54 32.06 -1.75
C HIS A 171 -27.78 30.74 -1.81
N PRO A 172 -26.54 30.72 -1.31
CA PRO A 172 -25.72 29.51 -1.35
C PRO A 172 -26.30 28.36 -0.52
N ALA A 173 -26.09 27.14 -1.00
CA ALA A 173 -26.50 25.94 -0.26
C ALA A 173 -25.29 25.32 0.43
N TYR A 174 -24.15 25.33 -0.25
CA TYR A 174 -22.90 24.84 0.30
C TYR A 174 -21.72 25.46 -0.41
N VAL A 175 -20.52 25.26 0.13
CA VAL A 175 -19.30 25.71 -0.53
C VAL A 175 -18.28 24.57 -0.59
N ILE A 176 -17.75 24.34 -1.80
CA ILE A 176 -16.76 23.30 -2.01
C ILE A 176 -15.45 23.91 -2.47
N TYR A 177 -14.35 23.48 -1.86
CA TYR A 177 -13.03 23.96 -2.27
C TYR A 177 -12.35 23.00 -3.24
N THR A 178 -11.56 23.56 -4.14
CA THR A 178 -10.77 22.78 -5.07
C THR A 178 -9.37 23.37 -5.23
N SER A 179 -8.36 22.52 -5.30
CA SER A 179 -7.01 22.96 -5.61
C SER A 179 -6.76 22.76 -7.11
N GLY A 180 -6.79 23.86 -7.86
CA GLY A 180 -6.58 23.80 -9.29
C GLY A 180 -5.12 23.96 -9.67
N SER A 181 -4.24 23.48 -8.80
CA SER A 181 -2.79 23.56 -9.00
C SER A 181 -2.28 24.99 -9.07
N THR A 182 -3.12 25.93 -8.64
CA THR A 182 -2.72 27.34 -8.62
C THR A 182 -1.79 27.61 -7.44
N GLY A 183 -1.96 26.84 -6.37
CA GLY A 183 -1.20 27.02 -5.15
C GLY A 183 -2.10 27.44 -4.02
N LYS A 184 -3.25 28.02 -4.38
CA LYS A 184 -4.26 28.42 -3.40
C LYS A 184 -5.63 27.90 -3.81
N PRO A 185 -6.32 27.21 -2.88
CA PRO A 185 -7.65 26.66 -3.11
C PRO A 185 -8.71 27.73 -3.35
N LYS A 186 -9.72 27.39 -4.15
CA LYS A 186 -10.82 28.31 -4.44
C LYS A 186 -12.13 27.78 -3.88
N GLY A 187 -12.91 28.66 -3.26
CA GLY A 187 -14.19 28.27 -2.70
C GLY A 187 -15.32 28.43 -3.69
N VAL A 188 -15.76 27.31 -4.27
CA VAL A 188 -16.86 27.32 -5.23
C VAL A 188 -18.19 27.45 -4.50
N VAL A 189 -18.78 28.64 -4.59
CA VAL A 189 -20.06 28.91 -3.93
C VAL A 189 -21.22 28.42 -4.78
N VAL A 190 -21.77 27.26 -4.41
CA VAL A 190 -22.89 26.67 -5.15
C VAL A 190 -24.23 27.16 -4.60
N PRO A 191 -25.02 27.82 -5.46
CA PRO A 191 -26.34 28.31 -5.06
C PRO A 191 -27.33 27.16 -4.90
N PHE A 192 -28.47 27.45 -4.28
CA PHE A 192 -29.42 26.42 -3.92
C PHE A 192 -30.11 25.77 -5.13
N HIS A 193 -30.58 26.60 -6.05
CA HIS A 193 -31.38 26.11 -7.17
C HIS A 193 -30.58 25.22 -8.11
N SER A 194 -29.26 25.38 -8.11
CA SER A 194 -28.39 24.50 -8.89
C SER A 194 -28.43 23.09 -8.32
N LEU A 195 -28.21 23.01 -7.02
CA LEU A 195 -28.27 21.74 -6.29
C LEU A 195 -29.64 21.09 -6.44
N ASN A 196 -30.68 21.91 -6.32
CA ASN A 196 -32.06 21.41 -6.46
C ASN A 196 -32.34 20.85 -7.85
N ASN A 197 -31.94 21.60 -8.87
CA ASN A 197 -32.10 21.17 -10.26
C ASN A 197 -31.37 19.86 -10.49
N PHE A 198 -30.13 19.78 -10.01
CA PHE A 198 -29.34 18.56 -10.16
C PHE A 198 -30.00 17.36 -9.51
N LEU A 199 -30.36 17.51 -8.23
CA LEU A 199 -30.92 16.42 -7.46
C LEU A 199 -32.27 15.96 -8.02
N LEU A 200 -33.07 16.91 -8.50
CA LEU A 200 -34.34 16.56 -9.12
C LEU A 200 -34.10 15.80 -10.42
N ALA A 201 -33.10 16.25 -11.19
CA ALA A 201 -32.73 15.59 -12.43
C ALA A 201 -32.32 14.14 -12.18
N MET A 202 -31.42 13.95 -11.22
CA MET A 202 -30.93 12.61 -10.90
C MET A 202 -32.03 11.73 -10.29
N ARG A 203 -32.96 12.35 -9.58
CA ARG A 203 -34.09 11.61 -9.05
C ARG A 203 -34.98 11.12 -10.19
N GLU A 204 -35.12 11.96 -11.22
CA GLU A 204 -35.90 11.57 -12.38
C GLU A 204 -35.17 10.49 -13.19
N LYS A 205 -33.84 10.53 -13.18
CA LYS A 205 -33.04 9.58 -13.94
C LYS A 205 -33.15 8.17 -13.38
N PHE A 206 -32.81 8.02 -12.11
CA PHE A 206 -32.86 6.71 -11.46
C PHE A 206 -34.20 6.52 -10.75
N ALA A 207 -34.86 5.40 -11.03
CA ALA A 207 -36.17 5.11 -10.45
C ALA A 207 -36.10 5.07 -8.93
N LEU A 208 -35.15 4.28 -8.42
CA LEU A 208 -34.86 4.20 -6.99
C LEU A 208 -36.11 3.88 -6.15
N LYS A 209 -36.67 2.70 -6.38
CA LYS A 209 -37.79 2.23 -5.58
C LYS A 209 -37.35 1.99 -4.13
N GLU A 210 -38.32 1.75 -3.25
CA GLU A 210 -38.06 1.66 -1.81
C GLU A 210 -37.05 0.58 -1.43
N HIS A 211 -36.91 -0.44 -2.27
CA HIS A 211 -36.02 -1.56 -1.97
C HIS A 211 -34.55 -1.23 -2.23
N ASP A 212 -34.29 -0.08 -2.84
CA ASP A 212 -32.92 0.29 -3.21
C ASP A 212 -32.12 0.87 -2.06
N ARG A 213 -30.82 0.59 -2.05
CA ARG A 213 -29.89 1.15 -1.08
C ARG A 213 -28.66 1.70 -1.77
N LEU A 214 -28.16 2.84 -1.31
CA LEU A 214 -26.97 3.44 -1.88
C LEU A 214 -25.84 3.52 -0.86
N LEU A 215 -24.65 3.07 -1.27
CA LEU A 215 -23.47 3.09 -0.40
C LEU A 215 -22.62 4.32 -0.71
N ALA A 216 -22.55 5.23 0.26
CA ALA A 216 -21.74 6.44 0.12
C ALA A 216 -20.30 6.19 0.57
N VAL A 217 -19.37 6.39 -0.35
CA VAL A 217 -17.96 6.13 -0.06
C VAL A 217 -17.09 7.34 -0.36
N THR A 218 -17.71 8.43 -0.80
CA THR A 218 -16.99 9.66 -1.08
C THR A 218 -17.05 10.60 0.12
N THR A 219 -15.93 11.25 0.41
CA THR A 219 -15.86 12.19 1.52
C THR A 219 -16.74 13.41 1.25
N ILE A 220 -17.14 14.09 2.31
CA ILE A 220 -18.00 15.27 2.18
C ILE A 220 -17.23 16.47 1.65
N ALA A 221 -15.92 16.33 1.52
CA ALA A 221 -15.07 17.40 1.01
C ALA A 221 -15.28 17.61 -0.49
N PHE A 222 -16.08 16.75 -1.11
CA PHE A 222 -16.40 16.86 -2.53
C PHE A 222 -17.90 16.86 -2.75
N ASP A 223 -18.34 17.53 -3.81
CA ASP A 223 -19.76 17.72 -4.10
C ASP A 223 -20.50 16.41 -4.38
N ILE A 224 -19.74 15.38 -4.79
CA ILE A 224 -20.30 14.08 -5.12
C ILE A 224 -21.14 13.50 -3.99
N SER A 225 -20.69 13.73 -2.76
CA SER A 225 -21.39 13.26 -1.58
C SER A 225 -22.85 13.71 -1.55
N ALA A 226 -23.12 14.91 -2.07
CA ALA A 226 -24.48 15.45 -2.10
C ALA A 226 -25.41 14.52 -2.88
N LEU A 227 -24.90 13.91 -3.95
CA LEU A 227 -25.66 12.91 -4.68
C LEU A 227 -25.82 11.67 -3.81
N GLU A 228 -24.73 11.26 -3.18
CA GLU A 228 -24.72 10.02 -2.41
C GLU A 228 -25.54 10.10 -1.12
N ILE A 229 -25.99 11.30 -0.77
CA ILE A 229 -26.70 11.48 0.49
C ILE A 229 -28.16 11.88 0.29
N PHE A 230 -28.39 12.86 -0.58
CA PHE A 230 -29.73 13.42 -0.74
C PHE A 230 -30.59 12.66 -1.74
N LEU A 231 -29.95 12.02 -2.72
CA LEU A 231 -30.70 11.27 -3.74
C LEU A 231 -31.50 10.08 -3.19
N PRO A 232 -30.92 9.30 -2.26
CA PRO A 232 -31.76 8.22 -1.74
C PRO A 232 -32.88 8.74 -0.84
N LEU A 233 -32.68 9.91 -0.25
CA LEU A 233 -33.63 10.45 0.72
C LEU A 233 -34.82 11.12 0.05
N ILE A 234 -34.60 11.74 -1.10
CA ILE A 234 -35.69 12.32 -1.87
C ILE A 234 -36.51 11.21 -2.50
N SER A 235 -35.88 10.06 -2.69
CA SER A 235 -36.58 8.84 -3.08
C SER A 235 -36.96 8.09 -1.80
N GLY A 236 -37.53 6.90 -1.94
CA GLY A 236 -37.90 6.10 -0.78
C GLY A 236 -36.79 5.16 -0.35
N ALA A 237 -35.61 5.35 -0.94
CA ALA A 237 -34.48 4.46 -0.72
C ALA A 237 -33.79 4.69 0.61
N SER A 238 -32.94 3.74 1.00
CA SER A 238 -32.13 3.87 2.20
C SER A 238 -30.70 4.25 1.83
N LEU A 239 -29.93 4.69 2.81
CA LEU A 239 -28.56 5.14 2.58
C LEU A 239 -27.59 4.53 3.57
N VAL A 240 -26.66 3.71 3.09
CA VAL A 240 -25.66 3.10 3.95
C VAL A 240 -24.36 3.90 3.90
N VAL A 241 -24.04 4.59 5.00
CA VAL A 241 -22.83 5.40 5.06
C VAL A 241 -21.64 4.56 5.56
N ALA A 242 -20.55 4.59 4.80
CA ALA A 242 -19.36 3.82 5.14
C ALA A 242 -18.26 4.70 5.71
N LYS A 243 -17.60 4.21 6.75
CA LYS A 243 -16.46 4.91 7.34
C LYS A 243 -15.22 4.70 6.48
N LYS A 244 -14.23 5.58 6.62
CA LYS A 244 -13.01 5.52 5.82
C LYS A 244 -12.25 4.21 6.03
N GLU A 245 -12.32 3.69 7.25
CA GLU A 245 -11.66 2.43 7.59
C GLU A 245 -12.18 1.27 6.76
N THR A 246 -13.41 1.39 6.29
CA THR A 246 -14.02 0.38 5.44
C THR A 246 -13.65 0.60 3.98
N ILE A 247 -13.53 1.86 3.59
CA ILE A 247 -13.22 2.23 2.22
C ILE A 247 -11.78 1.89 1.85
N GLN A 248 -10.88 2.02 2.81
CA GLN A 248 -9.46 1.72 2.58
C GLN A 248 -9.23 0.24 2.26
N ASP A 249 -9.86 -0.64 3.04
CA ASP A 249 -9.72 -2.08 2.83
C ASP A 249 -10.73 -2.60 1.83
N PRO A 250 -10.25 -3.22 0.73
CA PRO A 250 -11.12 -3.76 -0.31
C PRO A 250 -11.93 -4.96 0.18
N GLN A 251 -11.30 -5.81 0.98
CA GLN A 251 -11.97 -7.00 1.50
C GLN A 251 -13.09 -6.64 2.47
N ALA A 252 -13.00 -5.45 3.05
CA ALA A 252 -14.01 -4.96 3.98
C ALA A 252 -15.17 -4.31 3.23
N LEU A 253 -14.82 -3.47 2.26
CA LEU A 253 -15.81 -2.77 1.44
C LEU A 253 -16.66 -3.77 0.66
N ALA A 254 -15.98 -4.70 -0.02
CA ALA A 254 -16.66 -5.74 -0.78
C ALA A 254 -17.54 -6.58 0.13
N ALA A 255 -17.13 -6.71 1.39
CA ALA A 255 -17.92 -7.43 2.38
C ALA A 255 -19.19 -6.65 2.73
N VAL A 256 -19.06 -5.32 2.82
CA VAL A 256 -20.19 -4.47 3.15
C VAL A 256 -21.22 -4.46 2.01
N ILE A 257 -20.74 -4.33 0.78
CA ILE A 257 -21.61 -4.27 -0.40
C ILE A 257 -22.54 -5.50 -0.47
N SER A 258 -22.07 -6.62 0.05
CA SER A 258 -22.88 -7.85 0.07
C SER A 258 -23.68 -7.99 1.36
N ASP A 259 -23.08 -7.62 2.49
CA ASP A 259 -23.71 -7.81 3.80
C ASP A 259 -24.81 -6.79 4.08
N LYS A 260 -24.80 -5.68 3.33
CA LYS A 260 -25.80 -4.64 3.53
C LYS A 260 -26.81 -4.61 2.37
N GLU A 261 -26.64 -5.53 1.43
CA GLU A 261 -27.51 -5.64 0.26
C GLU A 261 -27.58 -4.31 -0.50
N ILE A 262 -26.43 -3.78 -0.86
CA ILE A 262 -26.35 -2.52 -1.60
C ILE A 262 -26.87 -2.70 -3.03
N THR A 263 -27.71 -1.79 -3.48
CA THR A 263 -28.29 -1.87 -4.81
C THR A 263 -27.57 -0.96 -5.80
N ILE A 264 -27.21 0.24 -5.36
CA ILE A 264 -26.61 1.24 -6.23
C ILE A 264 -25.41 1.88 -5.53
N MET A 265 -24.40 2.29 -6.31
CA MET A 265 -23.19 2.86 -5.75
C MET A 265 -22.47 3.79 -6.73
N GLN A 266 -21.89 4.85 -6.21
CA GLN A 266 -21.15 5.81 -7.03
C GLN A 266 -19.70 5.92 -6.54
N ALA A 267 -18.75 5.90 -7.48
CA ALA A 267 -17.34 5.99 -7.12
C ALA A 267 -16.47 6.43 -8.29
N THR A 268 -15.19 6.69 -7.98
CA THR A 268 -14.18 7.01 -8.99
C THR A 268 -13.65 5.72 -9.61
N PRO A 269 -13.25 5.76 -10.89
CA PRO A 269 -12.68 4.60 -11.59
C PRO A 269 -11.58 3.87 -10.81
N THR A 270 -10.87 4.59 -9.95
CA THR A 270 -9.81 3.98 -9.15
C THR A 270 -10.38 2.93 -8.20
N LEU A 271 -11.38 3.33 -7.41
CA LEU A 271 -12.02 2.42 -6.46
C LEU A 271 -12.66 1.23 -7.17
N TRP A 272 -13.34 1.53 -8.28
CA TRP A 272 -13.98 0.50 -9.08
C TRP A 272 -12.96 -0.52 -9.56
N HIS A 273 -11.80 -0.04 -10.02
CA HIS A 273 -10.73 -0.94 -10.44
C HIS A 273 -10.20 -1.73 -9.25
N MET A 274 -10.19 -1.10 -8.09
CA MET A 274 -9.73 -1.77 -6.87
C MET A 274 -10.67 -2.90 -6.47
N LEU A 275 -11.94 -2.80 -6.86
CA LEU A 275 -12.91 -3.84 -6.53
C LEU A 275 -13.02 -4.93 -7.62
N VAL A 276 -13.16 -4.52 -8.88
CA VAL A 276 -13.40 -5.48 -9.96
C VAL A 276 -12.23 -6.42 -10.19
N THR A 277 -11.02 -5.97 -9.85
CA THR A 277 -9.81 -6.74 -10.08
C THR A 277 -9.79 -7.99 -9.19
N HIS A 278 -10.19 -7.84 -7.94
CA HIS A 278 -10.08 -8.95 -6.98
C HIS A 278 -11.40 -9.34 -6.32
N HIS A 279 -12.41 -8.47 -6.35
CA HIS A 279 -13.71 -8.80 -5.78
C HIS A 279 -14.85 -8.52 -6.76
N PRO A 280 -14.96 -9.32 -7.83
CA PRO A 280 -16.01 -9.09 -8.82
C PRO A 280 -17.40 -9.43 -8.29
N ASP A 281 -17.47 -10.43 -7.42
CA ASP A 281 -18.74 -10.99 -6.96
C ASP A 281 -19.72 -9.98 -6.37
N CYS A 282 -19.20 -8.94 -5.75
CA CYS A 282 -20.06 -7.95 -5.09
C CYS A 282 -20.70 -6.99 -6.10
N ILE A 283 -20.18 -6.94 -7.31
CA ILE A 283 -20.67 -6.01 -8.32
C ILE A 283 -21.55 -6.74 -9.33
N ALA A 284 -22.00 -7.93 -8.95
CA ALA A 284 -22.80 -8.78 -9.83
C ALA A 284 -24.08 -8.09 -10.32
N GLY A 285 -24.89 -7.61 -9.38
CA GLY A 285 -26.15 -6.97 -9.73
C GLY A 285 -26.18 -5.50 -9.38
N LEU A 286 -25.02 -4.93 -9.10
CA LEU A 286 -24.91 -3.54 -8.65
C LEU A 286 -25.14 -2.54 -9.79
N ARG A 287 -25.80 -1.44 -9.47
CA ARG A 287 -25.92 -0.32 -10.42
C ARG A 287 -24.76 0.66 -10.19
N VAL A 288 -23.94 0.83 -11.22
CA VAL A 288 -22.69 1.55 -11.09
C VAL A 288 -22.73 2.95 -11.69
N LEU A 289 -22.18 3.91 -10.95
CA LEU A 289 -22.04 5.28 -11.44
C LEU A 289 -20.57 5.69 -11.49
N VAL A 290 -20.03 5.82 -12.69
CA VAL A 290 -18.63 6.20 -12.87
C VAL A 290 -18.51 7.67 -13.25
N GLY A 291 -17.50 8.34 -12.70
CA GLY A 291 -17.24 9.73 -13.02
C GLY A 291 -15.94 10.23 -12.41
N GLY A 292 -15.52 11.42 -12.82
CA GLY A 292 -14.33 12.05 -12.26
C GLY A 292 -13.09 11.86 -13.11
N GLU A 293 -13.07 10.82 -13.92
CA GLU A 293 -11.93 10.54 -14.79
C GLU A 293 -12.35 9.75 -16.02
N ALA A 294 -11.53 9.82 -17.06
CA ALA A 294 -11.79 9.08 -18.29
C ALA A 294 -11.77 7.58 -18.03
N LEU A 295 -12.91 6.94 -18.25
CA LEU A 295 -13.04 5.51 -18.00
C LEU A 295 -12.29 4.68 -19.05
N SER A 296 -11.44 3.77 -18.57
CA SER A 296 -10.69 2.88 -19.45
C SER A 296 -11.65 1.98 -20.21
N SER A 297 -11.36 1.73 -21.47
CA SER A 297 -12.33 1.00 -22.29
C SER A 297 -12.28 -0.50 -21.95
N GLY A 298 -11.28 -0.91 -21.17
CA GLY A 298 -11.23 -2.26 -20.66
C GLY A 298 -12.04 -2.40 -19.38
N LEU A 299 -11.90 -1.40 -18.52
CA LEU A 299 -12.66 -1.33 -17.27
C LEU A 299 -14.15 -1.32 -17.57
N ALA A 300 -14.56 -0.50 -18.52
CA ALA A 300 -15.95 -0.43 -18.94
C ALA A 300 -16.42 -1.76 -19.51
N SER A 301 -15.53 -2.42 -20.26
CA SER A 301 -15.84 -3.72 -20.85
C SER A 301 -16.02 -4.77 -19.75
N ALA A 302 -15.39 -4.54 -18.61
CA ALA A 302 -15.54 -5.43 -17.47
C ALA A 302 -16.85 -5.15 -16.72
N LEU A 303 -17.12 -3.86 -16.49
CA LEU A 303 -18.32 -3.44 -15.76
C LEU A 303 -19.59 -3.82 -16.51
N HIS A 304 -19.63 -3.55 -17.81
CA HIS A 304 -20.81 -3.85 -18.63
C HIS A 304 -21.10 -5.35 -18.66
N ARG A 305 -20.07 -6.15 -18.41
CA ARG A 305 -20.23 -7.60 -18.35
C ARG A 305 -20.70 -8.06 -16.98
N LEU A 306 -19.90 -7.77 -15.95
CA LEU A 306 -20.19 -8.22 -14.59
C LEU A 306 -21.38 -7.48 -13.99
N ALA A 307 -21.32 -6.15 -14.00
CA ALA A 307 -22.37 -5.34 -13.40
C ALA A 307 -23.52 -5.07 -14.36
N CYS A 308 -24.33 -4.07 -14.02
CA CYS A 308 -25.44 -3.67 -14.86
C CYS A 308 -25.73 -2.17 -14.69
N GLU A 309 -26.40 -1.59 -15.67
CA GLU A 309 -26.79 -0.17 -15.63
C GLU A 309 -25.61 0.75 -15.30
N VAL A 310 -24.52 0.59 -16.04
CA VAL A 310 -23.34 1.41 -15.82
C VAL A 310 -23.48 2.75 -16.52
N THR A 311 -23.52 3.83 -15.73
CA THR A 311 -23.68 5.17 -16.28
C THR A 311 -22.42 6.01 -16.05
N ASN A 312 -21.91 6.60 -17.13
CA ASN A 312 -20.75 7.46 -17.06
C ASN A 312 -21.15 8.90 -16.81
N LEU A 313 -20.52 9.53 -15.82
CA LEU A 313 -20.86 10.89 -15.41
C LEU A 313 -19.74 11.87 -15.73
N TYR A 314 -20.10 13.13 -15.95
CA TYR A 314 -19.12 14.17 -16.25
C TYR A 314 -19.57 15.54 -15.77
N GLY A 315 -18.61 16.35 -15.34
CA GLY A 315 -18.87 17.72 -14.96
C GLY A 315 -17.83 18.25 -13.99
N PRO A 316 -17.56 19.56 -14.05
CA PRO A 316 -16.69 20.23 -13.08
C PRO A 316 -17.46 20.66 -11.84
N THR A 317 -16.76 21.18 -10.84
CA THR A 317 -17.41 21.61 -9.61
C THR A 317 -18.18 22.92 -9.84
N GLU A 318 -17.70 23.72 -10.78
CA GLU A 318 -18.30 25.03 -11.06
C GLU A 318 -19.69 24.91 -11.70
N THR A 319 -20.05 23.71 -12.13
CA THR A 319 -21.39 23.47 -12.68
C THR A 319 -22.16 22.49 -11.80
N THR A 320 -21.80 22.46 -10.52
CA THR A 320 -22.51 21.66 -9.50
C THR A 320 -22.58 20.17 -9.83
N ILE A 321 -21.62 19.43 -9.28
CA ILE A 321 -21.57 17.97 -9.37
C ILE A 321 -21.46 17.47 -10.82
N TRP A 322 -22.56 16.99 -11.39
CA TRP A 322 -22.52 16.44 -12.74
C TRP A 322 -23.32 17.31 -13.72
N SER A 323 -22.76 17.51 -14.92
CA SER A 323 -23.43 18.31 -15.92
C SER A 323 -23.91 17.44 -17.08
N THR A 324 -23.13 16.43 -17.45
CA THR A 324 -23.52 15.51 -18.50
C THR A 324 -23.43 14.06 -18.01
N MET A 325 -24.21 13.17 -18.62
CA MET A 325 -24.17 11.76 -18.26
C MET A 325 -24.65 10.89 -19.42
N SER A 326 -24.19 9.64 -19.45
CA SER A 326 -24.61 8.71 -20.49
C SER A 326 -24.36 7.26 -20.12
N PRO A 327 -25.37 6.40 -20.31
CA PRO A 327 -25.21 4.96 -20.10
C PRO A 327 -24.22 4.36 -21.09
N LEU A 328 -23.57 3.27 -20.71
CA LEU A 328 -22.59 2.64 -21.59
C LEU A 328 -23.24 1.57 -22.47
N PRO A 336 -15.02 7.15 -25.57
CA PRO A 336 -15.29 7.79 -24.29
C PRO A 336 -16.43 8.80 -24.38
N SER A 337 -17.67 8.32 -24.24
CA SER A 337 -18.84 9.17 -24.38
C SER A 337 -19.25 9.79 -23.03
N ILE A 338 -19.21 11.11 -22.95
CA ILE A 338 -19.70 11.80 -21.78
C ILE A 338 -21.17 12.17 -21.97
N GLY A 339 -21.68 11.88 -23.16
CA GLY A 339 -23.10 11.97 -23.46
C GLY A 339 -23.72 13.35 -23.43
N ARG A 340 -25.05 13.37 -23.45
CA ARG A 340 -25.82 14.60 -23.50
C ARG A 340 -25.94 15.26 -22.13
N PRO A 341 -26.19 16.59 -22.10
CA PRO A 341 -26.35 17.30 -20.83
C PRO A 341 -27.63 16.93 -20.08
N ILE A 342 -27.69 17.30 -18.81
CA ILE A 342 -28.89 17.05 -18.00
C ILE A 342 -29.84 18.23 -18.08
N TRP A 343 -30.84 18.26 -17.19
CA TRP A 343 -31.84 19.32 -17.15
C TRP A 343 -31.23 20.71 -17.09
N ASN A 344 -31.79 21.62 -17.89
CA ASN A 344 -31.40 23.03 -17.89
C ASN A 344 -29.89 23.25 -18.03
N THR A 345 -29.26 22.40 -18.84
CA THR A 345 -27.83 22.51 -19.09
C THR A 345 -27.56 22.59 -20.59
N GLN A 346 -27.08 23.75 -21.02
CA GLN A 346 -26.66 23.93 -22.41
C GLN A 346 -25.16 23.67 -22.53
N VAL A 347 -24.78 22.86 -23.52
CA VAL A 347 -23.38 22.64 -23.80
C VAL A 347 -23.00 23.32 -25.12
N TYR A 348 -21.85 24.00 -25.11
CA TYR A 348 -21.39 24.72 -26.29
C TYR A 348 -19.95 24.32 -26.65
N VAL A 349 -19.78 23.75 -27.84
CA VAL A 349 -18.44 23.39 -28.30
C VAL A 349 -17.89 24.49 -29.20
N LEU A 350 -17.02 25.32 -28.65
CA LEU A 350 -16.58 26.53 -29.35
C LEU A 350 -15.13 26.48 -29.81
N ASP A 351 -14.79 27.36 -30.74
CA ASP A 351 -13.40 27.49 -31.20
C ASP A 351 -12.68 28.60 -30.45
N GLU A 352 -11.59 29.10 -31.02
CA GLU A 352 -10.79 30.13 -30.37
C GLU A 352 -11.37 31.53 -30.59
N GLN A 353 -12.43 31.62 -31.38
CA GLN A 353 -13.10 32.89 -31.64
C GLN A 353 -14.49 32.87 -31.04
N LEU A 354 -14.73 31.90 -30.15
CA LEU A 354 -16.01 31.72 -29.48
C LEU A 354 -17.15 31.53 -30.47
N GLN A 355 -16.91 30.66 -31.45
CA GLN A 355 -17.92 30.29 -32.44
C GLN A 355 -18.15 28.79 -32.41
N PRO A 356 -19.41 28.37 -32.62
CA PRO A 356 -19.74 26.94 -32.60
C PRO A 356 -19.12 26.19 -33.77
N VAL A 357 -18.76 24.93 -33.55
CA VAL A 357 -18.16 24.13 -34.60
C VAL A 357 -19.12 23.03 -35.02
N PRO A 358 -19.11 22.67 -36.31
CA PRO A 358 -19.97 21.59 -36.83
C PRO A 358 -19.59 20.25 -36.21
N PRO A 359 -20.52 19.28 -36.25
CA PRO A 359 -20.28 17.94 -35.68
C PRO A 359 -19.01 17.29 -36.22
N GLY A 360 -18.25 16.64 -35.35
CA GLY A 360 -17.02 15.99 -35.74
C GLY A 360 -15.81 16.85 -35.51
N VAL A 361 -16.04 18.15 -35.33
CA VAL A 361 -14.94 19.10 -35.11
C VAL A 361 -14.64 19.25 -33.63
N VAL A 362 -13.35 19.18 -33.29
CA VAL A 362 -12.91 19.33 -31.90
C VAL A 362 -12.87 20.81 -31.50
N GLY A 363 -13.41 21.10 -30.32
CA GLY A 363 -13.36 22.45 -29.79
C GLY A 363 -13.28 22.43 -28.28
N GLU A 364 -13.23 23.59 -27.65
CA GLU A 364 -13.25 23.67 -26.19
C GLU A 364 -14.69 23.65 -25.69
N LEU A 365 -14.91 23.01 -24.55
CA LEU A 365 -16.26 22.88 -24.00
C LEU A 365 -16.61 24.02 -23.04
N TYR A 366 -17.76 24.63 -23.28
CA TYR A 366 -18.30 25.66 -22.40
C TYR A 366 -19.64 25.18 -21.86
N ILE A 367 -19.82 25.23 -20.55
CA ILE A 367 -21.06 24.78 -19.96
C ILE A 367 -21.89 25.96 -19.44
N ALA A 368 -23.15 26.00 -19.83
CA ALA A 368 -24.05 27.07 -19.38
C ALA A 368 -25.35 26.47 -18.86
N GLY A 369 -26.13 27.29 -18.16
CA GLY A 369 -27.40 26.84 -17.63
C GLY A 369 -27.57 27.04 -16.14
N SER A 370 -28.47 26.27 -15.55
CA SER A 370 -28.81 26.41 -14.13
C SER A 370 -27.76 25.79 -13.22
N GLY A 371 -26.82 25.06 -13.81
CA GLY A 371 -25.81 24.37 -13.03
C GLY A 371 -24.71 25.28 -12.53
N LEU A 372 -24.55 26.43 -13.16
CA LEU A 372 -23.44 27.33 -12.83
C LEU A 372 -23.51 27.87 -11.41
N ALA A 373 -22.36 27.87 -10.75
CA ALA A 373 -22.25 28.40 -9.40
C ALA A 373 -22.19 29.93 -9.42
N ARG A 374 -22.23 30.54 -8.25
CA ARG A 374 -22.11 31.98 -8.14
C ARG A 374 -20.71 32.42 -8.58
N GLY A 375 -19.72 31.60 -8.24
CA GLY A 375 -18.33 31.88 -8.55
C GLY A 375 -17.41 31.40 -7.44
N TYR A 376 -16.23 32.02 -7.35
CA TYR A 376 -15.27 31.66 -6.31
C TYR A 376 -15.35 32.64 -5.14
N LEU A 377 -15.42 32.10 -3.92
CA LEU A 377 -15.59 32.92 -2.72
C LEU A 377 -14.49 33.97 -2.59
N ARG A 378 -14.91 35.24 -2.67
CA ARG A 378 -14.00 36.38 -2.56
C ARG A 378 -12.88 36.33 -3.60
N ARG A 379 -13.20 35.84 -4.79
CA ARG A 379 -12.24 35.80 -5.89
C ARG A 379 -12.88 36.27 -7.20
N PRO A 380 -13.07 37.60 -7.34
CA PRO A 380 -13.69 38.19 -8.53
C PRO A 380 -12.92 37.89 -9.81
N ASP A 381 -11.59 38.02 -9.75
CA ASP A 381 -10.75 37.88 -10.94
C ASP A 381 -10.86 36.49 -11.57
N LEU A 382 -10.76 35.45 -10.75
CA LEU A 382 -10.83 34.07 -11.25
C LEU A 382 -12.19 33.78 -11.85
N THR A 383 -13.24 34.24 -11.16
CA THR A 383 -14.60 34.10 -11.64
C THR A 383 -14.75 34.74 -13.01
N ALA A 384 -14.34 36.00 -13.14
CA ALA A 384 -14.42 36.71 -14.41
C ALA A 384 -13.51 36.08 -15.47
N GLU A 385 -12.51 35.32 -15.04
CA GLU A 385 -11.63 34.61 -15.96
C GLU A 385 -12.30 33.38 -16.54
N ARG A 386 -13.08 32.66 -15.72
CA ARG A 386 -13.69 31.42 -16.17
C ARG A 386 -15.21 31.52 -16.39
N PHE A 387 -15.89 32.23 -15.50
CA PHE A 387 -17.32 32.47 -15.70
C PHE A 387 -17.53 33.68 -16.61
N VAL A 388 -17.48 33.44 -17.91
CA VAL A 388 -17.50 34.53 -18.89
C VAL A 388 -18.90 34.77 -19.45
N ALA A 389 -19.04 35.78 -20.30
CA ALA A 389 -20.35 36.13 -20.87
C ALA A 389 -20.81 35.09 -21.88
N ASN A 390 -22.11 34.83 -21.92
CA ASN A 390 -22.68 33.84 -22.82
C ASN A 390 -23.48 34.47 -23.96
N PRO A 391 -22.98 34.31 -25.19
CA PRO A 391 -23.66 34.84 -26.39
C PRO A 391 -24.72 33.90 -26.97
N TYR A 392 -24.82 32.68 -26.46
CA TYR A 392 -25.76 31.70 -27.01
C TYR A 392 -26.92 31.40 -26.07
N GLY A 393 -27.02 32.16 -24.99
CA GLY A 393 -28.10 31.99 -24.04
C GLY A 393 -28.90 33.27 -23.87
N PRO A 394 -29.73 33.33 -22.83
CA PRO A 394 -30.48 34.55 -22.49
C PRO A 394 -29.55 35.76 -22.29
N PRO A 395 -30.06 36.97 -22.55
CA PRO A 395 -29.27 38.20 -22.39
C PRO A 395 -28.72 38.37 -20.98
N GLY A 396 -27.40 38.31 -20.85
CA GLY A 396 -26.75 38.47 -19.56
C GLY A 396 -26.30 37.15 -18.97
N SER A 397 -26.48 36.06 -19.72
CA SER A 397 -26.12 34.73 -19.23
C SER A 397 -24.60 34.57 -19.12
N ARG A 398 -24.19 33.42 -18.60
CA ARG A 398 -22.77 33.14 -18.40
C ARG A 398 -22.42 31.71 -18.79
N MET A 399 -21.23 31.56 -19.37
CA MET A 399 -20.63 30.25 -19.61
C MET A 399 -19.53 29.99 -18.62
N TYR A 400 -19.22 28.72 -18.42
CA TYR A 400 -18.01 28.33 -17.72
C TYR A 400 -17.14 27.53 -18.66
N ARG A 401 -15.91 28.02 -18.91
CA ARG A 401 -15.00 27.29 -19.77
C ARG A 401 -14.32 26.19 -18.98
N THR A 402 -14.54 24.95 -19.43
CA THR A 402 -14.03 23.78 -18.73
C THR A 402 -12.52 23.66 -18.86
N GLY A 403 -12.02 23.89 -20.07
CA GLY A 403 -10.62 23.66 -20.37
C GLY A 403 -10.45 22.29 -21.00
N ASP A 404 -11.57 21.61 -21.20
CA ASP A 404 -11.58 20.29 -21.82
C ASP A 404 -11.94 20.39 -23.30
N LEU A 405 -11.26 19.58 -24.12
CA LEU A 405 -11.53 19.53 -25.54
C LEU A 405 -12.52 18.43 -25.85
N VAL A 406 -13.66 18.80 -26.43
CA VAL A 406 -14.72 17.86 -26.76
C VAL A 406 -15.08 17.95 -28.24
N ARG A 407 -15.67 16.88 -28.75
CA ARG A 407 -16.07 16.78 -30.15
C ARG A 407 -17.49 16.22 -30.23
N TRP A 408 -18.33 16.85 -31.04
CA TRP A 408 -19.70 16.39 -31.23
C TRP A 408 -19.73 15.03 -31.93
N ARG A 409 -20.43 14.07 -31.33
CA ARG A 409 -20.61 12.78 -31.97
C ARG A 409 -21.73 12.86 -33.01
N MET A 410 -21.95 11.76 -33.71
CA MET A 410 -22.91 11.73 -34.82
C MET A 410 -24.33 12.07 -34.39
N ASP A 411 -24.73 11.60 -33.21
CA ASP A 411 -26.10 11.79 -32.76
C ASP A 411 -26.20 12.26 -31.32
N GLY A 412 -26.21 13.58 -31.14
CA GLY A 412 -26.46 14.20 -29.84
C GLY A 412 -25.59 13.72 -28.70
N SER A 413 -24.35 13.35 -29.00
CA SER A 413 -23.44 12.86 -27.98
C SER A 413 -22.12 13.61 -28.04
N LEU A 414 -21.35 13.55 -26.96
CA LEU A 414 -20.06 14.24 -26.90
C LEU A 414 -18.92 13.27 -26.63
N ASP A 415 -17.86 13.39 -27.42
CA ASP A 415 -16.67 12.56 -27.24
C ASP A 415 -15.55 13.36 -26.61
N TYR A 416 -15.00 12.85 -25.50
CA TYR A 416 -13.93 13.53 -24.78
C TYR A 416 -12.59 13.31 -25.45
N ILE A 417 -11.79 14.37 -25.53
CA ILE A 417 -10.48 14.30 -26.19
C ILE A 417 -9.33 14.46 -25.21
N GLY A 418 -9.40 15.51 -24.39
CA GLY A 418 -8.34 15.78 -23.42
C GLY A 418 -8.26 17.25 -23.05
N ARG A 419 -7.58 17.56 -21.96
CA ARG A 419 -7.51 18.94 -21.47
C ARG A 419 -6.58 19.81 -22.33
N VAL A 420 -6.70 21.12 -22.17
CA VAL A 420 -5.91 22.07 -22.96
C VAL A 420 -4.50 22.25 -22.41
N ASP A 421 -4.29 21.85 -21.16
CA ASP A 421 -2.97 21.97 -20.54
C ASP A 421 -2.13 20.73 -20.81
N HIS A 422 -2.67 19.83 -21.63
CA HIS A 422 -1.99 18.60 -22.05
C HIS A 422 -1.61 17.72 -20.87
N GLN A 423 -2.39 17.80 -19.80
CA GLN A 423 -2.18 16.93 -18.64
C GLN A 423 -3.14 15.75 -18.68
N ILE A 424 -2.69 14.61 -18.13
CA ILE A 424 -3.54 13.43 -18.05
C ILE A 424 -3.81 13.06 -16.60
N LYS A 425 -5.09 12.85 -16.27
CA LYS A 425 -5.48 12.48 -14.92
C LYS A 425 -5.50 10.97 -14.74
N LEU A 426 -4.57 10.46 -13.93
CA LEU A 426 -4.47 9.01 -13.72
C LEU A 426 -4.25 8.67 -12.25
N ARG A 427 -5.10 7.77 -11.74
CA ARG A 427 -5.01 7.30 -10.36
C ARG A 427 -5.02 8.43 -9.35
N GLY A 428 -5.76 9.49 -9.64
CA GLY A 428 -5.87 10.63 -8.74
C GLY A 428 -4.67 11.57 -8.83
N PHE A 429 -3.94 11.49 -9.93
CA PHE A 429 -2.80 12.38 -10.14
C PHE A 429 -2.98 13.19 -11.42
N ARG A 430 -2.47 14.42 -11.41
CA ARG A 430 -2.45 15.26 -12.61
C ARG A 430 -1.07 15.19 -13.25
N ILE A 431 -0.86 14.18 -14.09
CA ILE A 431 0.45 13.92 -14.67
C ILE A 431 0.70 14.73 -15.93
N GLU A 432 1.79 15.49 -15.94
CA GLU A 432 2.21 16.22 -17.12
C GLU A 432 3.24 15.38 -17.90
N ILE A 433 2.75 14.70 -18.94
CA ILE A 433 3.58 13.81 -19.73
C ILE A 433 4.78 14.53 -20.36
N GLY A 434 4.54 15.77 -20.79
CA GLY A 434 5.57 16.61 -21.39
C GLY A 434 6.86 16.66 -20.60
N GLU A 435 6.77 16.90 -19.30
CA GLU A 435 7.93 16.95 -18.43
C GLU A 435 8.65 15.60 -18.41
N ILE A 436 7.86 14.52 -18.38
CA ILE A 436 8.41 13.16 -18.36
C ILE A 436 9.25 12.89 -19.61
N GLU A 437 8.67 13.08 -20.79
CA GLU A 437 9.40 12.89 -22.05
C GLU A 437 10.58 13.85 -22.15
N ALA A 438 10.43 15.03 -21.55
CA ALA A 438 11.48 16.03 -21.57
C ALA A 438 12.72 15.55 -20.83
N VAL A 439 12.55 15.18 -19.55
CA VAL A 439 13.69 14.73 -18.76
C VAL A 439 14.18 13.36 -19.24
N LEU A 440 13.31 12.61 -19.90
CA LEU A 440 13.67 11.27 -20.39
C LEU A 440 14.52 11.37 -21.65
N SER A 441 14.27 12.40 -22.44
CA SER A 441 15.03 12.60 -23.68
C SER A 441 16.19 13.56 -23.47
N GLN A 442 16.31 14.09 -22.27
CA GLN A 442 17.39 15.01 -21.92
C GLN A 442 18.70 14.27 -21.74
N CYS A 443 18.62 12.93 -21.67
CA CYS A 443 19.80 12.09 -21.54
C CYS A 443 20.68 12.21 -22.77
N ASP A 444 21.99 12.11 -22.57
CA ASP A 444 22.95 12.23 -23.66
C ASP A 444 22.85 11.05 -24.63
N LEU A 445 22.27 9.95 -24.16
CA LEU A 445 22.15 8.74 -24.97
C LEU A 445 20.72 8.54 -25.48
N VAL A 446 19.85 9.52 -25.23
CA VAL A 446 18.47 9.44 -25.69
C VAL A 446 18.13 10.62 -26.60
N GLU A 447 17.61 10.30 -27.79
CA GLU A 447 17.24 11.32 -28.76
C GLU A 447 15.78 11.72 -28.63
N ARG A 448 14.88 10.78 -28.87
CA ARG A 448 13.45 11.08 -28.77
C ARG A 448 12.74 10.13 -27.82
N ALA A 449 11.53 10.49 -27.39
CA ALA A 449 10.76 9.68 -26.46
C ALA A 449 9.27 10.04 -26.45
N LEU A 450 8.41 9.04 -26.27
CA LEU A 450 6.99 9.28 -26.07
C LEU A 450 6.47 8.43 -24.92
N VAL A 451 5.71 9.04 -24.01
CA VAL A 451 5.13 8.31 -22.88
C VAL A 451 3.61 8.18 -23.06
N VAL A 452 3.09 6.98 -22.86
CA VAL A 452 1.67 6.72 -23.03
C VAL A 452 1.18 5.65 -22.05
N ALA A 453 0.01 5.86 -21.46
CA ALA A 453 -0.56 4.92 -20.50
C ALA A 453 -1.32 3.80 -21.20
N ARG A 454 -0.84 2.57 -21.06
CA ARG A 454 -1.50 1.41 -21.64
C ARG A 454 -2.02 0.47 -20.56
N GLU A 455 -2.83 -0.51 -20.95
CA GLU A 455 -3.44 -1.41 -19.98
C GLU A 455 -3.09 -2.88 -20.23
N ASP A 456 -2.13 -3.39 -19.48
CA ASP A 456 -1.77 -4.80 -19.56
C ASP A 456 -2.81 -5.65 -18.84
N GLN A 457 -3.24 -5.18 -17.67
CA GLN A 457 -4.30 -5.84 -16.91
C GLN A 457 -5.59 -5.05 -17.05
N PRO A 458 -6.75 -5.75 -17.06
CA PRO A 458 -8.06 -5.11 -17.24
C PRO A 458 -8.35 -4.04 -16.19
N GLY A 459 -8.27 -2.78 -16.60
CA GLY A 459 -8.53 -1.66 -15.71
C GLY A 459 -7.26 -1.05 -15.14
N ASP A 460 -6.14 -1.74 -15.34
CA ASP A 460 -4.86 -1.26 -14.82
C ASP A 460 -4.13 -0.38 -15.82
N GLN A 461 -4.19 0.93 -15.61
CA GLN A 461 -3.52 1.88 -16.50
C GLN A 461 -2.11 2.18 -16.00
N ARG A 462 -1.11 1.72 -16.76
CA ARG A 462 0.29 1.92 -16.40
C ARG A 462 1.01 2.79 -17.42
N LEU A 463 1.89 3.66 -16.94
CA LEU A 463 2.66 4.53 -17.81
C LEU A 463 3.80 3.76 -18.48
N VAL A 464 3.76 3.70 -19.81
CA VAL A 464 4.81 3.05 -20.58
C VAL A 464 5.59 4.08 -21.38
N ALA A 465 6.91 3.98 -21.38
CA ALA A 465 7.76 4.91 -22.13
C ALA A 465 8.43 4.22 -23.31
N TYR A 466 8.19 4.76 -24.50
CA TYR A 466 8.83 4.28 -25.72
C TYR A 466 9.95 5.24 -26.12
N VAL A 467 11.17 4.72 -26.24
CA VAL A 467 12.33 5.57 -26.45
C VAL A 467 13.05 5.30 -27.77
N ILE A 468 13.60 6.36 -28.34
CA ILE A 468 14.45 6.30 -29.53
C ILE A 468 15.83 6.85 -29.21
N PRO A 469 16.84 5.95 -29.18
CA PRO A 469 18.22 6.22 -28.80
C PRO A 469 19.00 7.05 -29.81
N CYS A 470 20.04 7.74 -29.35
CA CYS A 470 20.87 8.57 -30.21
C CYS A 470 21.78 7.73 -31.10
N GLU A 471 22.33 8.36 -32.14
CA GLU A 471 23.22 7.67 -33.07
C GLU A 471 24.51 7.22 -32.41
N LEU A 479 20.61 1.41 -20.19
CA LEU A 479 19.49 0.47 -20.14
C LEU A 479 18.60 0.75 -18.93
N ALA A 480 18.92 0.11 -17.81
CA ALA A 480 18.13 0.26 -16.58
C ALA A 480 18.56 1.51 -15.81
N GLU A 481 19.75 2.02 -16.13
CA GLU A 481 20.26 3.23 -15.49
C GLU A 481 19.40 4.44 -15.86
N LEU A 482 18.72 4.32 -16.99
CA LEU A 482 17.82 5.36 -17.47
C LEU A 482 16.69 5.59 -16.46
N ARG A 483 16.23 4.50 -15.85
CA ARG A 483 15.20 4.57 -14.82
C ARG A 483 15.70 5.36 -13.62
N ARG A 484 16.97 5.16 -13.27
CA ARG A 484 17.59 5.89 -12.17
C ARG A 484 17.75 7.36 -12.52
N TYR A 485 18.01 7.63 -13.79
CA TYR A 485 18.14 9.01 -14.27
C TYR A 485 16.81 9.74 -14.20
N VAL A 486 15.74 9.02 -14.55
CA VAL A 486 14.41 9.61 -14.57
C VAL A 486 13.83 9.77 -13.17
N SER A 487 14.15 8.82 -12.29
CA SER A 487 13.60 8.82 -10.94
C SER A 487 14.29 9.82 -10.02
N GLU A 488 15.50 10.23 -10.40
CA GLU A 488 16.27 11.17 -9.59
C GLU A 488 15.93 12.62 -9.94
N ARG A 489 14.94 12.80 -10.81
CA ARG A 489 14.53 14.14 -11.24
C ARG A 489 13.03 14.27 -11.34
N LEU A 490 12.31 13.16 -11.12
CA LEU A 490 10.85 13.16 -11.16
C LEU A 490 10.25 12.43 -9.98
N PRO A 491 9.01 12.80 -9.61
CA PRO A 491 8.25 12.07 -8.59
C PRO A 491 8.02 10.62 -8.98
N ASP A 492 7.77 9.75 -8.00
CA ASP A 492 7.68 8.33 -8.26
C ASP A 492 6.41 7.94 -9.01
N TYR A 493 5.39 8.79 -8.96
CA TYR A 493 4.14 8.48 -9.65
C TYR A 493 4.21 8.90 -11.12
N MET A 494 5.34 9.47 -11.52
CA MET A 494 5.53 9.91 -12.89
C MET A 494 6.49 9.01 -13.67
N VAL A 495 7.31 8.25 -12.97
CA VAL A 495 8.24 7.35 -13.64
C VAL A 495 7.49 6.17 -14.25
N PRO A 496 7.77 5.89 -15.53
CA PRO A 496 7.11 4.82 -16.29
C PRO A 496 7.32 3.44 -15.67
N SER A 497 6.36 2.55 -15.85
CA SER A 497 6.44 1.20 -15.29
C SER A 497 7.13 0.24 -16.25
N ALA A 498 7.41 0.72 -17.46
CA ALA A 498 8.05 -0.11 -18.48
C ALA A 498 8.72 0.74 -19.54
N PHE A 499 9.95 0.39 -19.89
CA PHE A 499 10.72 1.10 -20.92
C PHE A 499 10.93 0.21 -22.14
N MET A 500 10.43 0.66 -23.29
CA MET A 500 10.61 -0.10 -24.53
C MET A 500 11.26 0.75 -25.62
N VAL A 501 12.34 0.23 -26.19
CA VAL A 501 13.03 0.90 -27.28
C VAL A 501 12.42 0.49 -28.62
N LEU A 502 12.16 1.46 -29.48
CA LEU A 502 11.57 1.16 -30.78
C LEU A 502 12.29 1.83 -31.95
N ASN A 503 11.89 1.46 -33.15
CA ASN A 503 12.42 2.02 -34.39
C ASN A 503 11.91 3.43 -34.67
N GLU A 504 10.58 3.54 -34.74
CA GLU A 504 9.92 4.80 -35.05
C GLU A 504 8.47 4.73 -34.58
N PHE A 505 7.89 5.88 -34.25
CA PHE A 505 6.50 5.93 -33.81
C PHE A 505 5.56 5.77 -35.00
N PRO A 506 4.76 4.69 -34.99
CA PRO A 506 3.81 4.38 -36.07
C PRO A 506 2.64 5.37 -36.13
N LEU A 507 1.92 5.38 -37.23
CA LEU A 507 0.81 6.31 -37.41
C LEU A 507 -0.44 5.65 -37.99
N THR A 508 -1.59 6.24 -37.68
CA THR A 508 -2.86 5.77 -38.23
C THR A 508 -3.21 6.56 -39.48
N PRO A 509 -4.08 6.00 -40.34
CA PRO A 509 -4.57 6.74 -41.51
C PRO A 509 -5.12 8.13 -41.17
N ASN A 510 -5.69 8.28 -39.98
CA ASN A 510 -6.22 9.56 -39.53
C ASN A 510 -5.11 10.55 -39.17
N GLY A 511 -3.86 10.08 -39.20
CA GLY A 511 -2.73 10.93 -38.89
C GLY A 511 -2.45 11.01 -37.40
N LYS A 512 -2.80 9.94 -36.68
CA LYS A 512 -2.57 9.88 -35.25
C LYS A 512 -1.62 8.73 -34.89
N ILE A 513 -1.00 8.82 -33.72
CA ILE A 513 -0.11 7.77 -33.24
C ILE A 513 -0.89 6.51 -32.92
N ASP A 514 -0.50 5.39 -33.54
CA ASP A 514 -1.20 4.13 -33.35
C ASP A 514 -0.74 3.42 -32.10
N ARG A 515 -1.61 3.37 -31.09
CA ARG A 515 -1.32 2.65 -29.86
C ARG A 515 -1.25 1.14 -30.13
N LYS A 516 -2.12 0.67 -31.02
CA LYS A 516 -2.20 -0.74 -31.33
C LYS A 516 -1.02 -1.24 -32.13
N ALA A 517 -0.29 -0.32 -32.76
CA ALA A 517 0.87 -0.68 -33.58
C ALA A 517 2.17 -0.58 -32.78
N LEU A 518 2.06 -0.21 -31.50
CA LEU A 518 3.20 -0.16 -30.62
C LEU A 518 3.49 -1.53 -30.01
N PRO A 519 4.75 -1.79 -29.65
CA PRO A 519 5.11 -3.06 -29.00
C PRO A 519 4.38 -3.25 -27.67
N ALA A 520 3.89 -4.46 -27.41
CA ALA A 520 3.18 -4.76 -26.17
C ALA A 520 4.12 -4.65 -24.97
N PRO A 521 3.66 -3.96 -23.91
CA PRO A 521 4.46 -3.74 -22.69
C PRO A 521 4.91 -5.03 -22.03
N ASP A 522 6.07 -4.98 -21.37
CA ASP A 522 6.62 -6.16 -20.70
C ASP A 522 5.92 -6.41 -19.37
N PHE A 523 5.53 -5.33 -18.70
CA PHE A 523 4.88 -5.40 -17.40
C PHE A 523 5.71 -6.22 -16.40
N THR A 524 6.99 -5.89 -16.34
CA THR A 524 7.95 -6.59 -15.47
C THR A 524 7.97 -8.09 -15.73
N ARG A 530 15.55 -7.42 -5.05
CA ARG A 530 16.33 -7.95 -3.94
C ARG A 530 15.45 -8.63 -2.91
N LYS A 531 16.06 -9.03 -1.78
CA LYS A 531 15.35 -9.69 -0.70
C LYS A 531 15.55 -8.94 0.61
N PRO A 532 14.55 -8.98 1.50
CA PRO A 532 14.63 -8.28 2.79
C PRO A 532 15.80 -8.74 3.65
N ARG A 533 16.43 -7.80 4.35
CA ARG A 533 17.70 -8.07 5.02
C ARG A 533 17.57 -8.18 6.54
N ASN A 534 16.43 -7.75 7.08
CA ASN A 534 16.14 -7.88 8.51
C ASN A 534 14.63 -8.04 8.73
N PRO A 535 14.21 -8.55 9.90
CA PRO A 535 12.78 -8.76 10.19
C PRO A 535 11.87 -7.59 9.82
N GLN A 536 12.29 -6.38 10.15
CA GLN A 536 11.53 -5.17 9.85
C GLN A 536 11.22 -5.05 8.35
N GLU A 537 12.25 -5.24 7.54
CA GLU A 537 12.11 -5.13 6.08
C GLU A 537 11.17 -6.18 5.52
N GLU A 538 11.19 -7.39 6.09
CA GLU A 538 10.27 -8.46 5.66
C GLU A 538 8.82 -8.16 6.05
N ILE A 539 8.63 -7.60 7.24
CA ILE A 539 7.30 -7.18 7.65
C ILE A 539 6.77 -6.12 6.68
N LEU A 540 7.61 -5.12 6.40
CA LEU A 540 7.25 -4.06 5.49
C LEU A 540 6.92 -4.59 4.09
N CYS A 541 7.73 -5.51 3.59
CA CYS A 541 7.49 -6.10 2.28
C CYS A 541 6.18 -6.85 2.25
N GLU A 542 5.88 -7.56 3.34
CA GLU A 542 4.60 -8.25 3.47
C GLU A 542 3.44 -7.26 3.40
N LEU A 543 3.59 -6.13 4.08
CA LEU A 543 2.56 -5.10 4.07
C LEU A 543 2.36 -4.52 2.68
N PHE A 544 3.46 -4.20 2.00
CA PHE A 544 3.42 -3.70 0.62
C PHE A 544 2.69 -4.67 -0.29
N ALA A 545 3.03 -5.96 -0.16
CA ALA A 545 2.40 -7.00 -0.98
C ALA A 545 0.91 -7.10 -0.68
N GLU A 546 0.54 -6.98 0.59
CA GLU A 546 -0.86 -7.09 1.00
C GLU A 546 -1.69 -5.92 0.49
N VAL A 547 -1.11 -4.71 0.56
CA VAL A 547 -1.81 -3.50 0.12
C VAL A 547 -1.93 -3.45 -1.40
N LEU A 548 -0.83 -3.71 -2.10
CA LEU A 548 -0.83 -3.70 -3.56
C LEU A 548 -1.55 -4.90 -4.15
N GLU A 549 -1.96 -5.82 -3.27
CA GLU A 549 -2.69 -7.04 -3.65
C GLU A 549 -1.89 -7.93 -4.61
N ILE A 550 -0.59 -7.72 -4.68
CA ILE A 550 0.30 -8.54 -5.48
C ILE A 550 0.98 -9.58 -4.58
N PRO A 551 1.38 -10.73 -5.14
CA PRO A 551 1.94 -11.81 -4.32
C PRO A 551 3.20 -11.43 -3.55
N VAL A 552 4.26 -11.02 -4.25
CA VAL A 552 5.54 -10.75 -3.61
C VAL A 552 6.14 -9.42 -4.07
N VAL A 553 6.70 -8.66 -3.14
CA VAL A 553 7.44 -7.44 -3.48
C VAL A 553 8.88 -7.53 -2.97
N GLY A 554 9.72 -6.62 -3.44
CA GLY A 554 11.13 -6.61 -3.07
C GLY A 554 11.53 -5.39 -2.26
N ILE A 555 12.76 -5.39 -1.77
CA ILE A 555 13.25 -4.30 -0.93
C ILE A 555 13.50 -3.02 -1.73
N ASP A 556 13.57 -3.15 -3.05
CA ASP A 556 13.83 -2.00 -3.91
C ASP A 556 12.73 -1.79 -4.96
N ASP A 557 11.50 -2.16 -4.61
CA ASP A 557 10.36 -1.93 -5.48
C ASP A 557 9.65 -0.64 -5.12
N HIS A 558 9.12 0.06 -6.12
CA HIS A 558 8.45 1.34 -5.88
C HIS A 558 6.95 1.17 -5.72
N PHE A 559 6.41 1.82 -4.70
CA PHE A 559 5.02 1.64 -4.30
C PHE A 559 4.03 2.20 -5.31
N PHE A 560 4.34 3.37 -5.86
CA PHE A 560 3.39 4.07 -6.73
C PHE A 560 3.45 3.60 -8.18
N GLU A 561 4.50 2.86 -8.54
CA GLU A 561 4.63 2.35 -9.90
C GLU A 561 3.80 1.09 -10.11
N LEU A 562 3.44 0.44 -9.01
CA LEU A 562 2.70 -0.82 -9.07
C LEU A 562 1.20 -0.61 -8.87
N GLY A 563 0.73 0.59 -9.20
CA GLY A 563 -0.67 0.93 -9.04
C GLY A 563 -0.96 1.57 -7.70
N GLY A 564 0.08 1.85 -6.95
CA GLY A 564 -0.05 2.46 -5.65
C GLY A 564 -0.49 3.90 -5.74
N HIS A 565 -1.67 4.20 -5.17
CA HIS A 565 -2.17 5.56 -5.14
C HIS A 565 -2.30 6.06 -3.71
N SER A 566 -3.00 7.18 -3.55
CA SER A 566 -3.08 7.88 -2.26
C SER A 566 -3.87 7.11 -1.20
N LEU A 567 -4.96 6.47 -1.62
CA LEU A 567 -5.79 5.68 -0.70
C LEU A 567 -5.01 4.47 -0.17
N LEU A 568 -4.42 3.72 -1.09
CA LEU A 568 -3.58 2.58 -0.73
C LEU A 568 -2.41 3.03 0.13
N ALA A 569 -1.94 4.24 -0.10
CA ALA A 569 -0.89 4.83 0.72
C ALA A 569 -1.40 5.03 2.14
N ALA A 570 -2.64 5.51 2.26
CA ALA A 570 -3.27 5.70 3.56
C ALA A 570 -3.38 4.38 4.32
N ARG A 571 -3.93 3.36 3.67
CA ARG A 571 -4.07 2.05 4.32
C ARG A 571 -2.71 1.46 4.69
N LEU A 572 -1.74 1.64 3.81
CA LEU A 572 -0.38 1.19 4.08
C LEU A 572 0.16 1.86 5.34
N ILE A 573 -0.05 3.16 5.45
CA ILE A 573 0.38 3.90 6.63
C ILE A 573 -0.29 3.36 7.89
N SER A 574 -1.59 3.07 7.80
CA SER A 574 -2.32 2.49 8.92
C SER A 574 -1.71 1.16 9.37
N ARG A 575 -1.59 0.23 8.42
CA ARG A 575 -1.06 -1.10 8.68
C ARG A 575 0.37 -1.06 9.22
N ILE A 576 1.16 -0.10 8.74
CA ILE A 576 2.51 0.09 9.25
C ILE A 576 2.44 0.57 10.70
N ARG A 577 1.49 1.47 10.97
CA ARG A 577 1.33 2.03 12.31
C ARG A 577 0.87 0.97 13.31
N ASP A 578 0.18 -0.06 12.82
CA ASP A 578 -0.35 -1.10 13.71
C ASP A 578 0.51 -2.36 13.80
N VAL A 579 1.33 -2.61 12.78
CA VAL A 579 2.16 -3.81 12.76
C VAL A 579 3.56 -3.57 13.31
N LEU A 580 4.06 -2.35 13.14
CA LEU A 580 5.40 -2.00 13.59
C LEU A 580 5.35 -0.91 14.66
N GLY A 581 4.18 -0.33 14.86
CA GLY A 581 4.00 0.70 15.87
C GLY A 581 4.70 2.01 15.57
N VAL A 582 4.64 2.43 14.30
CA VAL A 582 5.24 3.68 13.89
C VAL A 582 4.34 4.44 12.90
N GLU A 583 4.07 5.70 13.21
CA GLU A 583 3.24 6.53 12.34
C GLU A 583 4.09 7.25 11.31
N ILE A 584 3.85 6.97 10.04
CA ILE A 584 4.61 7.59 8.96
C ILE A 584 3.76 8.57 8.17
N THR A 585 4.24 9.80 8.04
CA THR A 585 3.56 10.80 7.21
C THR A 585 3.56 10.36 5.75
N ILE A 586 2.48 10.68 5.04
CA ILE A 586 2.34 10.27 3.65
C ILE A 586 3.39 10.95 2.77
N GLY A 587 3.84 12.13 3.19
CA GLY A 587 4.88 12.85 2.48
C GLY A 587 6.19 12.09 2.52
N LYS A 588 6.47 11.47 3.66
CA LYS A 588 7.66 10.64 3.83
C LYS A 588 7.55 9.38 2.98
N LEU A 589 6.31 8.96 2.72
CA LEU A 589 6.07 7.79 1.88
C LEU A 589 6.29 8.12 0.42
N PHE A 590 5.90 9.33 0.01
CA PHE A 590 6.18 9.79 -1.34
C PHE A 590 7.68 10.00 -1.53
N ALA A 591 8.33 10.54 -0.51
CA ALA A 591 9.76 10.80 -0.56
C ALA A 591 10.56 9.49 -0.52
N SER A 592 10.00 8.48 0.12
CA SER A 592 10.62 7.17 0.19
C SER A 592 9.65 6.09 -0.29
N PRO A 593 9.48 5.98 -1.62
CA PRO A 593 8.50 5.06 -2.21
C PRO A 593 8.92 3.60 -2.14
N THR A 594 10.16 3.34 -1.71
CA THR A 594 10.63 1.96 -1.58
C THR A 594 10.97 1.64 -0.12
N VAL A 595 10.86 0.36 0.23
CA VAL A 595 11.07 -0.10 1.59
C VAL A 595 12.47 0.24 2.12
N ALA A 596 13.47 0.00 1.28
CA ALA A 596 14.86 0.28 1.63
C ALA A 596 15.07 1.75 1.99
N SER A 597 14.29 2.63 1.38
CA SER A 597 14.36 4.04 1.70
C SER A 597 13.55 4.36 2.95
N LEU A 598 12.47 3.60 3.15
CA LEU A 598 11.61 3.77 4.31
C LEU A 598 12.34 3.47 5.62
N VAL A 599 13.00 2.32 5.66
CA VAL A 599 13.69 1.88 6.87
C VAL A 599 14.81 2.85 7.29
N LYS A 600 15.32 3.60 6.32
CA LYS A 600 16.37 4.58 6.58
C LYS A 600 15.82 5.80 7.33
N ARG A 608 21.29 4.81 13.45
CA ARG A 608 21.67 4.30 12.13
C ARG A 608 23.14 3.91 12.08
N LYS A 609 23.42 2.71 11.58
CA LYS A 609 24.78 2.20 11.51
C LYS A 609 25.57 2.80 10.34
N PRO A 610 26.83 3.17 10.60
CA PRO A 610 27.74 3.69 9.56
C PRO A 610 27.97 2.69 8.44
N PRO A 611 28.07 3.18 7.19
CA PRO A 611 28.31 2.34 6.02
C PRO A 611 29.66 1.63 6.06
N VAL A 612 29.77 0.50 5.35
CA VAL A 612 31.01 -0.24 5.28
C VAL A 612 31.85 0.20 4.08
N LYS A 613 32.81 1.08 4.31
CA LYS A 613 33.72 1.49 3.25
C LYS A 613 34.80 0.43 3.06
N ALA A 614 35.49 0.48 1.93
CA ALA A 614 36.60 -0.43 1.69
C ALA A 614 37.76 -0.07 2.60
N TYR A 615 38.37 -1.08 3.21
CA TYR A 615 39.46 -0.86 4.15
C TYR A 615 40.82 -1.20 3.54
N ALA A 616 41.84 -0.43 3.91
CA ALA A 616 43.19 -0.66 3.42
C ALA A 616 43.75 -1.95 4.00
N CYS A 617 44.82 -2.46 3.39
CA CYS A 617 45.46 -3.70 3.84
C CYS A 617 45.97 -3.55 5.26
N LYS A 618 45.44 -4.37 6.16
CA LYS A 618 45.83 -4.34 7.56
C LYS A 618 46.92 -5.38 7.85
N GLU A 619 47.66 -5.16 8.93
CA GLU A 619 48.69 -6.10 9.36
C GLU A 619 48.07 -7.46 9.65
N ASP A 620 47.03 -7.46 10.47
CA ASP A 620 46.26 -8.67 10.73
C ASP A 620 44.77 -8.39 10.56
N ILE A 621 43.98 -9.44 10.39
CA ILE A 621 42.54 -9.29 10.26
C ILE A 621 41.84 -10.07 11.37
N PRO A 622 41.18 -9.33 12.28
CA PRO A 622 40.48 -9.94 13.42
C PRO A 622 39.26 -10.74 12.98
N LEU A 623 38.95 -11.78 13.75
CA LEU A 623 37.77 -12.59 13.48
C LEU A 623 36.51 -11.75 13.61
N SER A 624 35.53 -12.03 12.76
CA SER A 624 34.21 -11.44 12.94
C SER A 624 33.62 -12.06 14.20
N PHE A 625 32.73 -11.33 14.87
CA PHE A 625 32.21 -11.78 16.16
C PHE A 625 31.39 -13.06 16.02
N ALA A 626 30.80 -13.26 14.85
CA ALA A 626 30.12 -14.51 14.56
C ALA A 626 31.13 -15.64 14.51
N GLN A 627 32.30 -15.34 13.94
CA GLN A 627 33.37 -16.32 13.81
C GLN A 627 34.07 -16.62 15.14
N ARG A 628 34.19 -15.60 15.98
CA ARG A 628 34.92 -15.71 17.25
C ARG A 628 34.34 -16.81 18.15
N ARG A 629 33.01 -16.89 18.18
CA ARG A 629 32.30 -17.92 18.94
C ARG A 629 32.67 -19.32 18.47
N LEU A 630 32.53 -19.53 17.15
CA LEU A 630 32.85 -20.81 16.53
C LEU A 630 34.31 -21.19 16.76
N TRP A 631 35.20 -20.21 16.70
CA TRP A 631 36.62 -20.44 16.89
C TRP A 631 36.92 -20.76 18.35
N PHE A 632 36.12 -20.22 19.25
CA PHE A 632 36.27 -20.52 20.67
C PHE A 632 35.88 -21.97 20.93
N LEU A 633 34.71 -22.35 20.42
CA LEU A 633 34.24 -23.73 20.55
C LEU A 633 35.20 -24.72 19.89
N TYR A 634 35.82 -24.28 18.80
CA TYR A 634 36.79 -25.12 18.07
C TYR A 634 38.11 -25.24 18.83
N HIS A 635 38.52 -24.16 19.47
CA HIS A 635 39.76 -24.13 20.22
C HIS A 635 39.62 -24.89 21.53
N LEU A 636 38.39 -25.00 22.01
CA LEU A 636 38.12 -25.71 23.26
C LEU A 636 37.88 -27.20 23.03
N GLU A 637 36.95 -27.53 22.13
CA GLU A 637 36.56 -28.91 21.89
C GLU A 637 37.47 -29.63 20.90
N GLY A 638 37.91 -28.90 19.87
CA GLY A 638 38.72 -29.48 18.82
C GLY A 638 37.91 -29.63 17.55
N PRO A 639 38.52 -30.18 16.49
CA PRO A 639 37.84 -30.40 15.21
C PRO A 639 36.59 -31.28 15.36
N SER A 640 35.43 -30.71 15.04
CA SER A 640 34.17 -31.43 15.15
C SER A 640 33.26 -31.12 13.97
N PRO A 641 32.45 -32.10 13.55
CA PRO A 641 31.55 -31.92 12.39
C PRO A 641 30.25 -31.21 12.76
N THR A 642 30.20 -30.63 13.96
CA THR A 642 28.99 -30.02 14.49
C THR A 642 28.44 -28.92 13.58
N TYR A 643 29.32 -28.05 13.09
CA TYR A 643 28.88 -26.91 12.29
C TYR A 643 29.24 -27.05 10.81
N ASN A 644 29.14 -28.28 10.30
CA ASN A 644 29.35 -28.52 8.88
C ASN A 644 28.11 -28.16 8.07
N ILE A 645 28.34 -27.60 6.89
CA ILE A 645 27.28 -27.28 5.96
C ILE A 645 27.52 -28.01 4.63
N PRO A 646 26.92 -29.20 4.49
CA PRO A 646 27.06 -30.03 3.29
C PRO A 646 26.00 -29.74 2.23
N VAL A 647 26.42 -29.18 1.11
CA VAL A 647 25.51 -28.96 -0.01
C VAL A 647 25.53 -30.16 -0.94
N VAL A 648 24.40 -30.86 -1.05
CA VAL A 648 24.31 -32.02 -1.92
C VAL A 648 23.46 -31.71 -3.14
N VAL A 649 24.04 -31.87 -4.32
CA VAL A 649 23.33 -31.56 -5.56
C VAL A 649 23.27 -32.78 -6.48
N HIS A 650 22.05 -33.19 -6.84
CA HIS A 650 21.88 -34.26 -7.80
C HIS A 650 21.85 -33.71 -9.21
N LEU A 651 22.76 -34.19 -10.05
CA LEU A 651 22.89 -33.71 -11.42
C LEU A 651 22.53 -34.80 -12.42
N THR A 652 21.61 -34.50 -13.31
CA THR A 652 21.23 -35.46 -14.34
C THR A 652 21.46 -34.90 -15.74
N GLY A 653 22.21 -35.64 -16.55
CA GLY A 653 22.53 -35.21 -17.90
C GLY A 653 24.03 -35.15 -18.14
N GLU A 654 24.42 -34.58 -19.28
CA GLU A 654 25.83 -34.45 -19.62
C GLU A 654 26.51 -33.40 -18.74
N LEU A 655 27.56 -33.81 -18.05
CA LEU A 655 28.30 -32.92 -17.16
C LEU A 655 29.73 -32.72 -17.65
N HIS A 656 30.13 -31.46 -17.82
CA HIS A 656 31.50 -31.14 -18.22
C HIS A 656 32.38 -30.95 -16.98
N TYR A 657 33.26 -31.93 -16.75
CA TYR A 657 34.05 -31.95 -15.52
C TYR A 657 35.01 -30.76 -15.40
N GLN A 658 35.74 -30.48 -16.47
CA GLN A 658 36.72 -29.40 -16.47
C GLN A 658 36.07 -28.05 -16.19
N ALA A 659 34.89 -27.85 -16.77
CA ALA A 659 34.13 -26.63 -16.55
C ALA A 659 33.73 -26.49 -15.09
N LEU A 660 33.40 -27.62 -14.46
CA LEU A 660 33.02 -27.65 -13.05
C LEU A 660 34.22 -27.30 -12.15
N GLN A 661 35.36 -27.93 -12.44
CA GLN A 661 36.58 -27.68 -11.69
C GLN A 661 37.00 -26.21 -11.78
N GLN A 662 37.02 -25.69 -13.01
CA GLN A 662 37.35 -24.29 -13.24
C GLN A 662 36.34 -23.36 -12.56
N ALA A 663 35.08 -23.79 -12.51
CA ALA A 663 34.04 -23.02 -11.84
C ALA A 663 34.32 -22.91 -10.36
N LEU A 664 34.62 -24.04 -9.72
CA LEU A 664 34.93 -24.05 -8.30
C LEU A 664 36.16 -23.21 -8.00
N TYR A 665 37.20 -23.37 -8.81
CA TYR A 665 38.42 -22.57 -8.65
C TYR A 665 38.09 -21.08 -8.73
N ASP A 666 37.25 -20.71 -9.70
CA ASP A 666 36.88 -19.31 -9.92
C ASP A 666 36.11 -18.73 -8.73
N VAL A 667 35.08 -19.45 -8.29
CA VAL A 667 34.24 -18.97 -7.19
C VAL A 667 35.06 -18.91 -5.90
N ILE A 668 36.06 -19.77 -5.78
CA ILE A 668 36.96 -19.69 -4.63
C ILE A 668 37.85 -18.45 -4.76
N GLU A 669 38.30 -18.16 -5.97
CA GLU A 669 39.13 -16.99 -6.22
C GLU A 669 38.36 -15.70 -5.94
N ARG A 670 37.04 -15.74 -6.10
CA ARG A 670 36.22 -14.56 -5.89
C ARG A 670 35.94 -14.31 -4.42
N HIS A 671 35.45 -15.33 -3.72
CA HIS A 671 35.09 -15.19 -2.31
C HIS A 671 36.21 -15.64 -1.39
N GLU A 672 36.99 -14.68 -0.92
CA GLU A 672 38.13 -14.93 -0.03
C GLU A 672 37.82 -15.80 1.22
N PRO A 673 36.63 -15.67 1.82
CA PRO A 673 36.33 -16.58 2.94
C PRO A 673 36.41 -18.07 2.59
N LEU A 674 36.26 -18.42 1.31
CA LEU A 674 36.33 -19.81 0.90
C LEU A 674 37.77 -20.33 0.93
N ARG A 675 38.73 -19.42 1.04
CA ARG A 675 40.14 -19.80 1.12
C ARG A 675 40.83 -19.09 2.27
N THR A 676 40.32 -19.28 3.48
CA THR A 676 40.85 -18.61 4.66
C THR A 676 41.14 -19.60 5.79
N ILE A 677 42.29 -19.46 6.42
CA ILE A 677 42.65 -20.28 7.58
C ILE A 677 42.63 -19.42 8.83
N PHE A 678 42.54 -20.06 9.99
CA PHE A 678 42.44 -19.34 11.26
C PHE A 678 43.41 -19.90 12.31
N PRO A 679 44.66 -19.42 12.29
CA PRO A 679 45.71 -19.86 13.21
C PRO A 679 45.64 -19.17 14.57
N GLU A 680 46.51 -19.57 15.49
CA GLU A 680 46.52 -19.02 16.85
C GLU A 680 47.60 -17.97 17.02
N HIS A 681 47.31 -16.97 17.85
CA HIS A 681 48.26 -15.89 18.12
C HIS A 681 48.11 -15.37 19.54
N SER A 685 44.21 -15.74 17.20
CA SER A 685 42.88 -15.37 16.71
C SER A 685 42.96 -14.31 15.62
N ARG A 686 43.14 -14.77 14.37
CA ARG A 686 43.25 -13.87 13.24
C ARG A 686 42.89 -14.57 11.93
N GLN A 687 42.49 -13.78 10.93
CA GLN A 687 42.17 -14.33 9.62
C GLN A 687 43.37 -14.24 8.69
N VAL A 688 43.69 -15.36 8.04
CA VAL A 688 44.79 -15.40 7.10
C VAL A 688 44.31 -15.84 5.73
N ILE A 689 44.13 -14.86 4.84
CA ILE A 689 43.63 -15.13 3.50
C ILE A 689 44.73 -15.64 2.58
N LEU A 690 44.59 -16.89 2.14
CA LEU A 690 45.57 -17.49 1.23
C LEU A 690 45.35 -17.03 -0.20
N GLU A 691 46.43 -16.91 -0.96
CA GLU A 691 46.35 -16.55 -2.36
C GLU A 691 45.70 -17.70 -3.15
N PRO A 692 45.06 -17.38 -4.28
CA PRO A 692 44.40 -18.39 -5.11
C PRO A 692 45.33 -19.55 -5.49
N HIS A 693 46.53 -19.22 -5.94
CA HIS A 693 47.50 -20.24 -6.31
C HIS A 693 48.10 -20.91 -5.09
N GLN A 694 48.14 -20.19 -3.97
CA GLN A 694 48.72 -20.69 -2.73
C GLN A 694 47.90 -21.86 -2.17
N ALA A 695 46.63 -21.61 -1.89
CA ALA A 695 45.72 -22.65 -1.42
C ALA A 695 45.22 -23.48 -2.59
N ARG A 696 45.89 -24.60 -2.86
CA ARG A 696 45.54 -25.44 -3.99
C ARG A 696 44.23 -26.18 -3.75
N PRO A 697 43.19 -25.84 -4.55
CA PRO A 697 41.88 -26.48 -4.41
C PRO A 697 41.81 -27.81 -5.14
N GLU A 698 41.25 -28.83 -4.47
CA GLU A 698 41.17 -30.16 -5.05
C GLU A 698 39.73 -30.57 -5.32
N LEU A 699 39.53 -31.36 -6.37
CA LEU A 699 38.22 -31.93 -6.67
C LEU A 699 38.32 -33.44 -6.67
N MET A 700 37.78 -34.07 -5.63
CA MET A 700 37.83 -35.53 -5.54
C MET A 700 36.76 -36.13 -6.44
N ILE A 701 37.12 -37.13 -7.24
CA ILE A 701 36.15 -37.80 -8.10
C ILE A 701 36.10 -39.29 -7.81
N LYS A 702 35.01 -39.76 -7.22
CA LYS A 702 34.90 -41.18 -6.92
C LYS A 702 33.66 -41.78 -7.57
N GLU A 703 33.80 -43.01 -8.07
CA GLU A 703 32.69 -43.71 -8.70
C GLU A 703 32.15 -44.81 -7.79
N ILE A 704 30.90 -44.65 -7.37
CA ILE A 704 30.28 -45.61 -6.47
C ILE A 704 28.95 -46.12 -7.02
N SER A 705 28.42 -47.17 -6.41
CA SER A 705 27.10 -47.67 -6.76
C SER A 705 26.03 -46.87 -6.02
N GLU A 706 24.82 -46.84 -6.56
CA GLU A 706 23.73 -46.07 -5.95
C GLU A 706 23.43 -46.57 -4.53
N SER A 707 23.47 -47.89 -4.36
CA SER A 707 23.13 -48.53 -3.09
C SER A 707 24.09 -48.16 -1.96
N GLU A 708 25.13 -47.42 -2.28
CA GLU A 708 26.10 -46.99 -1.29
C GLU A 708 26.13 -45.46 -1.15
N LEU A 709 25.48 -44.78 -2.09
CA LEU A 709 25.49 -43.31 -2.15
C LEU A 709 25.15 -42.66 -0.81
N SER A 710 24.16 -43.22 -0.12
CA SER A 710 23.82 -42.75 1.22
C SER A 710 25.01 -42.91 2.16
N ASP A 711 25.46 -44.16 2.30
CA ASP A 711 26.54 -44.51 3.24
C ASP A 711 27.74 -43.58 3.10
N GLU A 712 28.33 -43.57 1.90
CA GLU A 712 29.45 -42.69 1.60
C GLU A 712 29.17 -41.26 2.03
N LEU A 713 27.99 -40.74 1.65
CA LEU A 713 27.62 -39.38 2.01
C LEU A 713 27.68 -39.19 3.52
N ASN A 714 27.08 -40.13 4.25
CA ASN A 714 27.07 -40.06 5.72
C ASN A 714 28.47 -39.97 6.30
N ALA A 715 29.44 -40.56 5.61
CA ALA A 715 30.83 -40.44 6.02
C ALA A 715 31.39 -39.09 5.58
N ALA A 716 31.16 -38.76 4.32
CA ALA A 716 31.77 -37.59 3.70
C ALA A 716 31.35 -36.29 4.39
N VAL A 717 30.12 -36.25 4.87
CA VAL A 717 29.61 -35.08 5.57
C VAL A 717 30.28 -34.92 6.93
N ARG A 718 30.66 -36.04 7.54
CA ARG A 718 31.20 -36.01 8.89
C ARG A 718 32.72 -35.78 8.93
N TYR A 719 33.25 -35.18 7.86
CA TYR A 719 34.66 -34.80 7.82
C TYR A 719 34.90 -33.66 8.80
N ARG A 720 36.04 -33.72 9.50
CA ARG A 720 36.33 -32.73 10.54
C ARG A 720 37.44 -31.78 10.08
N PHE A 721 37.08 -30.53 9.85
CA PHE A 721 38.03 -29.53 9.37
C PHE A 721 39.03 -29.10 10.45
N ASP A 722 40.30 -29.02 10.06
CA ASP A 722 41.32 -28.41 10.89
C ASP A 722 41.45 -26.94 10.51
N LEU A 723 40.61 -26.10 11.12
CA LEU A 723 40.51 -24.69 10.76
C LEU A 723 41.82 -23.93 10.87
N ALA A 724 42.73 -24.44 11.71
CA ALA A 724 44.01 -23.78 11.95
C ALA A 724 44.90 -23.76 10.71
N ALA A 725 44.80 -24.80 9.88
CA ALA A 725 45.74 -24.93 8.76
C ALA A 725 45.07 -25.33 7.45
N GLU A 726 43.74 -25.41 7.42
CA GLU A 726 43.05 -25.84 6.21
C GLU A 726 41.80 -25.02 5.90
N PRO A 727 41.64 -24.60 4.64
CA PRO A 727 40.42 -23.94 4.18
C PRO A 727 39.21 -24.84 4.34
N ALA A 728 38.19 -24.35 5.04
CA ALA A 728 37.04 -25.18 5.40
C ALA A 728 36.09 -25.42 4.22
N ILE A 729 36.58 -26.13 3.21
CA ILE A 729 35.75 -26.46 2.05
C ILE A 729 36.32 -27.65 1.29
N ARG A 730 35.46 -28.61 0.93
CA ARG A 730 35.86 -29.77 0.16
C ARG A 730 34.84 -30.10 -0.92
N ALA A 731 35.33 -30.39 -2.12
CA ALA A 731 34.47 -30.70 -3.26
C ALA A 731 34.63 -32.14 -3.71
N GLN A 732 33.55 -32.90 -3.65
CA GLN A 732 33.60 -34.31 -3.99
C GLN A 732 32.48 -34.73 -4.93
N LEU A 733 32.85 -35.12 -6.14
CA LEU A 733 31.92 -35.57 -7.16
C LEU A 733 31.80 -37.10 -7.17
N PHE A 734 30.58 -37.58 -6.98
CA PHE A 734 30.28 -38.99 -7.01
C PHE A 734 29.63 -39.38 -8.33
N VAL A 735 30.15 -40.43 -8.96
CA VAL A 735 29.66 -40.86 -10.27
C VAL A 735 28.74 -42.07 -10.15
N LEU A 736 27.43 -41.83 -10.24
CA LEU A 736 26.45 -42.91 -10.22
C LEU A 736 26.33 -43.52 -11.61
N GLY A 737 26.38 -42.67 -12.62
CA GLY A 737 26.34 -43.12 -14.01
C GLY A 737 26.95 -42.07 -14.91
N PRO A 738 27.07 -42.37 -16.21
CA PRO A 738 27.63 -41.45 -17.21
C PRO A 738 26.89 -40.11 -17.25
N ASN A 739 25.62 -40.11 -16.86
CA ASN A 739 24.82 -38.89 -16.85
C ASN A 739 24.28 -38.56 -15.47
N ARG A 740 24.36 -39.53 -14.56
CA ARG A 740 23.90 -39.32 -13.19
C ARG A 740 25.08 -39.03 -12.26
N HIS A 741 25.01 -37.90 -11.57
CA HIS A 741 26.10 -37.47 -10.68
C HIS A 741 25.57 -36.89 -9.38
N VAL A 742 26.41 -36.93 -8.35
CA VAL A 742 26.10 -36.28 -7.08
C VAL A 742 27.27 -35.42 -6.62
N LEU A 743 27.07 -34.11 -6.64
CA LEU A 743 28.13 -33.18 -6.24
C LEU A 743 27.97 -32.79 -4.78
N LEU A 744 29.04 -32.98 -4.01
CA LEU A 744 29.03 -32.61 -2.60
C LEU A 744 30.00 -31.47 -2.32
N LEU A 745 29.43 -30.36 -1.87
CA LEU A 745 30.21 -29.22 -1.41
C LEU A 745 30.15 -29.12 0.10
N LEU A 746 31.13 -29.72 0.77
CA LEU A 746 31.16 -29.70 2.22
C LEU A 746 31.89 -28.47 2.74
N MET A 747 31.15 -27.55 3.34
CA MET A 747 31.74 -26.34 3.88
C MET A 747 31.56 -26.29 5.39
N HIS A 748 32.01 -25.19 6.01
CA HIS A 748 31.85 -25.03 7.44
C HIS A 748 31.14 -23.71 7.73
N HIS A 749 30.42 -23.66 8.84
CA HIS A 749 29.63 -22.48 9.18
C HIS A 749 30.52 -21.27 9.49
N MET A 750 31.83 -21.51 9.60
CA MET A 750 32.79 -20.46 9.85
C MET A 750 32.88 -19.49 8.67
N ILE A 751 32.67 -20.01 7.46
CA ILE A 751 32.91 -19.24 6.25
C ILE A 751 31.65 -19.07 5.38
N VAL A 752 30.57 -19.75 5.73
CA VAL A 752 29.34 -19.71 4.94
C VAL A 752 28.10 -19.71 5.83
N ASP A 753 27.13 -18.86 5.51
CA ASP A 753 25.82 -18.92 6.17
C ASP A 753 24.71 -19.23 5.18
N GLY A 754 23.47 -19.27 5.67
CA GLY A 754 22.33 -19.60 4.84
C GLY A 754 22.14 -18.64 3.68
N TRP A 755 22.32 -17.36 3.95
CA TRP A 755 22.21 -16.33 2.91
C TRP A 755 23.25 -16.56 1.82
N SER A 756 24.51 -16.71 2.24
CA SER A 756 25.64 -16.86 1.33
C SER A 756 25.47 -18.02 0.37
N LEU A 757 24.56 -18.94 0.70
CA LEU A 757 24.33 -20.12 -0.13
C LEU A 757 23.61 -19.77 -1.42
N THR A 758 23.17 -18.52 -1.55
CA THR A 758 22.52 -18.08 -2.78
C THR A 758 23.51 -17.40 -3.74
N PRO A 759 24.30 -16.41 -3.27
CA PRO A 759 25.27 -15.85 -4.22
C PRO A 759 26.36 -16.86 -4.59
N LEU A 760 26.61 -17.82 -3.71
CA LEU A 760 27.56 -18.90 -3.99
C LEU A 760 27.04 -19.75 -5.14
N THR A 761 25.87 -20.34 -4.96
CA THR A 761 25.29 -21.25 -5.93
C THR A 761 25.01 -20.55 -7.26
N ARG A 762 24.89 -19.23 -7.23
CA ARG A 762 24.64 -18.46 -8.44
C ARG A 762 25.93 -18.21 -9.20
N ASP A 763 27.05 -18.18 -8.48
CA ASP A 763 28.35 -17.94 -9.12
C ASP A 763 28.91 -19.20 -9.75
N ILE A 764 28.76 -20.32 -9.04
CA ILE A 764 29.18 -21.62 -9.56
C ILE A 764 28.49 -21.91 -10.88
N ALA A 765 27.19 -21.62 -10.93
CA ALA A 765 26.43 -21.78 -12.16
C ALA A 765 26.89 -20.77 -13.21
N ALA A 766 27.29 -19.60 -12.77
CA ALA A 766 27.72 -18.54 -13.68
C ALA A 766 29.01 -18.93 -14.39
N ALA A 767 29.98 -19.42 -13.62
CA ALA A 767 31.27 -19.83 -14.17
C ALA A 767 31.14 -21.05 -15.08
N TYR A 768 30.47 -22.08 -14.58
CA TYR A 768 30.24 -23.31 -15.33
C TYR A 768 29.66 -23.01 -16.72
N ASN A 769 28.49 -22.38 -16.73
CA ASN A 769 27.83 -22.01 -17.97
C ASN A 769 28.67 -21.09 -18.85
N ALA A 770 29.64 -20.40 -18.24
CA ALA A 770 30.52 -19.51 -18.99
C ALA A 770 31.63 -20.28 -19.68
N HIS A 771 32.02 -21.41 -19.11
CA HIS A 771 33.09 -22.22 -19.70
C HIS A 771 32.56 -23.13 -20.80
N CYS A 772 31.29 -23.52 -20.68
CA CYS A 772 30.65 -24.35 -21.69
C CYS A 772 30.35 -23.54 -22.95
N ARG A 773 29.90 -22.29 -22.75
CA ARG A 773 29.64 -21.38 -23.86
C ARG A 773 30.94 -20.74 -24.34
N ASN A 774 32.03 -21.02 -23.62
CA ASN A 774 33.36 -20.51 -23.94
C ASN A 774 33.40 -18.99 -24.02
N GLN A 775 32.69 -18.34 -23.11
CA GLN A 775 32.68 -16.88 -23.03
C GLN A 775 33.14 -16.42 -21.65
N LYS A 776 33.52 -15.15 -21.56
CA LYS A 776 33.97 -14.59 -20.28
C LYS A 776 32.81 -14.52 -19.29
N VAL A 777 33.08 -14.93 -18.05
CA VAL A 777 32.05 -14.97 -17.01
C VAL A 777 31.53 -13.58 -16.67
N GLU A 778 30.21 -13.46 -16.54
CA GLU A 778 29.57 -12.20 -16.19
C GLU A 778 29.42 -12.07 -14.68
N TRP A 779 30.35 -11.34 -14.05
CA TRP A 779 30.34 -11.18 -12.60
C TRP A 779 30.07 -9.73 -12.18
N ALA A 780 29.51 -9.58 -10.99
CA ALA A 780 29.32 -8.26 -10.40
C ALA A 780 30.38 -8.03 -9.33
N PRO A 781 31.25 -7.02 -9.54
CA PRO A 781 32.38 -6.74 -8.65
C PRO A 781 31.95 -6.44 -7.21
N LEU A 782 32.65 -7.05 -6.25
CA LEU A 782 32.34 -6.86 -4.84
C LEU A 782 33.01 -5.61 -4.30
N PRO A 783 32.21 -4.63 -3.84
CA PRO A 783 32.73 -3.37 -3.32
C PRO A 783 33.56 -3.57 -2.06
N VAL A 784 33.16 -4.50 -1.21
CA VAL A 784 33.92 -4.82 0.00
C VAL A 784 34.07 -6.33 0.15
N LYS A 785 35.14 -6.75 0.82
CA LYS A 785 35.34 -8.16 1.12
C LYS A 785 34.88 -8.44 2.54
N TYR A 786 34.92 -9.71 2.94
CA TYR A 786 34.50 -10.11 4.28
C TYR A 786 35.42 -9.53 5.35
N ALA A 787 36.69 -9.37 4.98
CA ALA A 787 37.67 -8.76 5.87
C ALA A 787 37.24 -7.34 6.23
N ASP A 788 36.65 -6.65 5.25
CA ASP A 788 36.13 -5.31 5.48
C ASP A 788 34.96 -5.33 6.46
N TYR A 789 34.16 -6.40 6.38
CA TYR A 789 33.05 -6.59 7.32
C TYR A 789 33.58 -6.79 8.73
N ALA A 790 34.65 -7.57 8.85
CA ALA A 790 35.28 -7.80 10.15
C ALA A 790 35.85 -6.50 10.73
N LEU A 791 36.67 -5.82 9.93
CA LEU A 791 37.31 -4.58 10.36
C LEU A 791 36.29 -3.52 10.73
N TRP A 792 35.21 -3.46 9.96
CA TRP A 792 34.12 -2.51 10.22
C TRP A 792 33.40 -2.86 11.52
N GLN A 793 33.17 -4.16 11.74
CA GLN A 793 32.54 -4.64 12.95
C GLN A 793 33.36 -4.23 14.18
N GLN A 794 34.64 -4.54 14.15
CA GLN A 794 35.55 -4.21 15.24
C GLN A 794 35.65 -2.71 15.47
N GLU A 795 35.75 -1.95 14.37
CA GLU A 795 35.84 -0.51 14.43
C GLU A 795 34.59 0.09 15.08
N ILE A 796 33.43 -0.49 14.77
CA ILE A 796 32.18 -0.06 15.38
C ILE A 796 32.15 -0.38 16.87
N LEU A 797 32.51 -1.61 17.23
CA LEU A 797 32.45 -2.03 18.63
C LEU A 797 33.56 -1.41 19.49
N GLY A 798 34.50 -0.71 18.83
CA GLY A 798 35.53 0.01 19.56
C GLY A 798 34.95 1.18 20.35
N ASP A 799 33.77 1.62 19.96
CA ASP A 799 33.11 2.75 20.61
C ASP A 799 32.14 2.30 21.70
N GLU A 800 32.45 1.16 22.34
CA GLU A 800 31.64 0.66 23.44
C GLU A 800 31.85 1.50 24.69
N THR A 801 33.01 2.15 24.77
CA THR A 801 33.36 3.00 25.89
C THR A 801 32.48 4.25 25.92
N ASN A 802 32.23 4.81 24.73
CA ASN A 802 31.42 6.00 24.60
C ASN A 802 29.98 5.76 25.05
N PRO A 803 29.56 6.45 26.12
CA PRO A 803 28.21 6.28 26.67
C PRO A 803 27.11 6.72 25.71
N ASP A 804 27.44 7.63 24.80
CA ASP A 804 26.46 8.18 23.87
C ASP A 804 26.44 7.42 22.54
N SER A 805 27.21 6.34 22.46
CA SER A 805 27.26 5.53 21.24
C SER A 805 26.00 4.68 21.07
N LEU A 806 25.69 4.31 19.83
CA LEU A 806 24.54 3.47 19.56
C LEU A 806 24.74 2.08 20.14
N ILE A 807 25.99 1.61 20.06
CA ILE A 807 26.33 0.27 20.51
C ILE A 807 26.24 0.18 22.02
N ALA A 808 26.66 1.25 22.71
CA ALA A 808 26.54 1.30 24.16
C ALA A 808 25.08 1.32 24.58
N LYS A 809 24.25 1.99 23.79
CA LYS A 809 22.82 2.08 24.05
C LYS A 809 22.15 0.71 23.91
N GLN A 810 22.41 0.04 22.79
CA GLN A 810 21.82 -1.28 22.55
C GLN A 810 22.34 -2.31 23.56
N LEU A 811 23.63 -2.20 23.88
CA LEU A 811 24.25 -3.09 24.86
C LEU A 811 23.63 -2.86 26.24
N ASP A 812 23.26 -1.62 26.52
CA ASP A 812 22.57 -1.29 27.77
C ASP A 812 21.18 -1.92 27.76
N TYR A 813 20.48 -1.77 26.64
CA TYR A 813 19.18 -2.38 26.45
C TYR A 813 19.22 -3.87 26.77
N TRP A 814 20.17 -4.57 26.16
CA TRP A 814 20.30 -6.01 26.40
C TRP A 814 20.73 -6.31 27.83
N LYS A 815 21.53 -5.41 28.41
CA LYS A 815 21.98 -5.58 29.78
C LYS A 815 20.81 -5.47 30.75
N LYS A 816 19.75 -4.81 30.31
CA LYS A 816 18.55 -4.69 31.13
C LYS A 816 17.53 -5.80 30.87
N THR A 817 17.31 -6.11 29.59
CA THR A 817 16.27 -7.07 29.21
C THR A 817 16.63 -8.52 29.52
N LEU A 818 17.89 -8.88 29.29
CA LEU A 818 18.35 -10.24 29.55
C LEU A 818 18.94 -10.36 30.95
N ALA A 819 18.52 -9.46 31.83
CA ALA A 819 18.99 -9.47 33.21
C ALA A 819 18.13 -10.40 34.06
N GLY A 820 18.77 -11.40 34.67
CA GLY A 820 18.08 -12.33 35.54
C GLY A 820 17.51 -13.52 34.81
N LEU A 821 18.13 -13.87 33.68
CA LEU A 821 17.71 -15.04 32.91
C LEU A 821 17.96 -16.31 33.72
N PRO A 822 17.06 -17.31 33.57
CA PRO A 822 17.21 -18.57 34.30
C PRO A 822 18.45 -19.33 33.84
N GLU A 823 19.05 -20.10 34.75
CA GLU A 823 20.26 -20.85 34.46
C GLU A 823 20.04 -21.85 33.33
N GLU A 824 18.96 -22.62 33.42
CA GLU A 824 18.63 -23.61 32.40
C GLU A 824 17.14 -23.93 32.42
N LEU A 825 16.58 -24.21 31.25
CA LEU A 825 15.18 -24.61 31.14
C LEU A 825 14.99 -26.02 31.68
N GLU A 826 13.74 -26.38 31.99
CA GLU A 826 13.44 -27.68 32.55
C GLU A 826 12.46 -28.47 31.68
N LEU A 827 12.95 -28.98 30.55
CA LEU A 827 12.12 -29.76 29.64
C LEU A 827 12.01 -31.21 30.12
N PRO A 828 10.93 -31.92 29.70
CA PRO A 828 10.77 -33.32 30.08
C PRO A 828 11.79 -34.23 29.40
N THR A 829 13.04 -34.17 29.84
CA THR A 829 14.11 -34.99 29.27
C THR A 829 14.00 -36.44 29.75
N ASP A 830 14.24 -37.37 28.83
CA ASP A 830 14.20 -38.79 29.16
C ASP A 830 15.46 -39.20 29.92
N TYR A 831 16.56 -38.55 29.61
CA TYR A 831 17.84 -38.82 30.27
C TYR A 831 18.38 -37.56 30.93
N PRO A 832 19.05 -37.71 32.08
CA PRO A 832 19.66 -36.57 32.77
C PRO A 832 20.85 -36.01 32.00
N ARG A 833 21.02 -34.69 32.01
CA ARG A 833 22.10 -34.05 31.27
C ARG A 833 23.47 -34.50 31.76
N PRO A 834 24.22 -35.19 30.89
CA PRO A 834 25.56 -35.70 31.24
C PRO A 834 26.61 -34.59 31.29
N ALA A 835 27.80 -34.92 31.74
CA ALA A 835 28.89 -33.95 31.84
C ALA A 835 29.41 -33.55 30.46
N GLU A 836 29.77 -34.56 29.66
CA GLU A 836 30.30 -34.32 28.32
C GLU A 836 29.19 -34.38 27.28
N SER A 837 28.95 -33.26 26.61
CA SER A 837 27.94 -33.19 25.56
C SER A 837 28.37 -34.03 24.36
N SER A 838 27.60 -35.07 24.07
CA SER A 838 27.92 -35.99 22.98
C SER A 838 27.82 -35.31 21.61
N TYR A 839 27.03 -34.23 21.56
CA TYR A 839 26.79 -33.48 20.33
C TYR A 839 26.17 -34.33 19.24
N GLU A 840 25.70 -35.52 19.59
CA GLU A 840 24.95 -36.37 18.68
C GLU A 840 23.50 -35.91 18.67
N GLY A 841 22.95 -35.73 17.47
CA GLY A 841 21.60 -35.22 17.35
C GLY A 841 20.73 -35.99 16.39
N GLY A 842 19.42 -35.91 16.60
CA GLY A 842 18.45 -36.54 15.73
C GLY A 842 17.52 -35.50 15.13
N ILE A 843 16.79 -35.91 14.08
CA ILE A 843 15.88 -35.01 13.39
C ILE A 843 14.51 -35.65 13.18
N VAL A 844 13.46 -34.91 13.50
CA VAL A 844 12.09 -35.36 13.26
C VAL A 844 11.36 -34.40 12.33
N ASP A 845 10.99 -34.88 11.15
CA ASP A 845 10.29 -34.05 10.17
C ASP A 845 8.78 -34.10 10.37
N PHE A 846 8.12 -32.95 10.19
CA PHE A 846 6.67 -32.89 10.25
C PHE A 846 6.13 -31.79 9.34
N CYS A 847 4.88 -31.95 8.94
CA CYS A 847 4.26 -31.05 7.96
C CYS A 847 2.95 -30.46 8.48
N MET A 848 2.63 -29.26 8.01
CA MET A 848 1.39 -28.59 8.38
C MET A 848 0.63 -28.17 7.11
N ASP A 849 -0.56 -28.74 6.94
CA ASP A 849 -1.32 -28.57 5.69
C ASP A 849 -1.62 -27.11 5.36
N ALA A 850 -1.90 -26.86 4.09
CA ALA A 850 -2.04 -25.49 3.56
C ALA A 850 -3.17 -24.71 4.21
N GLU A 851 -4.29 -25.38 4.48
CA GLU A 851 -5.44 -24.73 5.10
C GLU A 851 -5.07 -24.09 6.43
N LEU A 852 -4.44 -24.87 7.30
CA LEU A 852 -4.01 -24.40 8.61
C LEU A 852 -2.98 -23.28 8.47
N HIS A 853 -2.10 -23.41 7.49
CA HIS A 853 -1.12 -22.37 7.19
C HIS A 853 -1.83 -21.04 6.92
N LYS A 854 -2.82 -21.09 6.04
CA LYS A 854 -3.63 -19.92 5.74
C LYS A 854 -4.32 -19.38 6.97
N ARG A 855 -4.82 -20.27 7.83
CA ARG A 855 -5.50 -19.86 9.05
C ARG A 855 -4.56 -19.12 10.01
N LEU A 856 -3.34 -19.62 10.12
CA LEU A 856 -2.31 -18.99 10.94
C LEU A 856 -1.97 -17.61 10.40
N LEU A 857 -1.80 -17.52 9.09
CA LEU A 857 -1.54 -16.23 8.44
C LEU A 857 -2.66 -15.23 8.72
N ASP A 858 -3.90 -15.69 8.61
CA ASP A 858 -5.06 -14.85 8.85
C ASP A 858 -5.11 -14.36 10.29
N LEU A 859 -4.82 -15.27 11.22
CA LEU A 859 -4.74 -14.91 12.64
C LEU A 859 -3.71 -13.81 12.85
N ALA A 860 -2.53 -14.02 12.25
CA ALA A 860 -1.43 -13.06 12.32
C ALA A 860 -1.84 -11.67 11.82
N ARG A 861 -2.38 -11.61 10.61
CA ARG A 861 -2.76 -10.34 10.01
C ARG A 861 -3.91 -9.66 10.78
N GLU A 862 -4.80 -10.47 11.32
CA GLU A 862 -5.96 -9.96 12.04
C GLU A 862 -5.58 -9.45 13.43
N ASN A 863 -4.46 -9.92 13.97
CA ASN A 863 -4.06 -9.46 15.29
C ASN A 863 -2.73 -8.71 15.33
N LYS A 864 -2.54 -7.82 14.35
CA LYS A 864 -1.41 -6.87 14.33
C LYS A 864 -0.04 -7.52 14.48
N ALA A 865 0.10 -8.78 14.07
CA ALA A 865 1.35 -9.49 14.22
C ALA A 865 1.78 -10.17 12.93
N SER A 866 2.93 -10.84 12.98
CA SER A 866 3.43 -11.61 11.84
C SER A 866 3.35 -13.10 12.14
N LEU A 867 3.47 -13.91 11.08
CA LEU A 867 3.44 -15.37 11.23
C LEU A 867 4.59 -15.82 12.12
N PHE A 868 5.71 -15.13 12.00
CA PHE A 868 6.88 -15.33 12.86
C PHE A 868 6.47 -15.28 14.33
N MET A 869 5.79 -14.20 14.70
CA MET A 869 5.37 -13.98 16.07
C MET A 869 4.34 -15.01 16.54
N VAL A 870 3.45 -15.42 15.62
CA VAL A 870 2.43 -16.40 15.95
C VAL A 870 3.06 -17.75 16.27
N LEU A 871 3.99 -18.17 15.41
CA LEU A 871 4.70 -19.42 15.61
C LEU A 871 5.55 -19.37 16.89
N GLN A 872 6.12 -18.20 17.15
CA GLN A 872 6.84 -17.98 18.41
C GLN A 872 5.93 -18.18 19.62
N ALA A 873 4.74 -17.58 19.57
CA ALA A 873 3.78 -17.68 20.65
C ALA A 873 3.33 -19.12 20.88
N GLY A 874 3.03 -19.81 19.79
CA GLY A 874 2.64 -21.21 19.86
C GLY A 874 3.75 -22.07 20.43
N PHE A 875 5.00 -21.71 20.11
CA PHE A 875 6.15 -22.47 20.58
C PHE A 875 6.41 -22.26 22.07
N ALA A 876 6.30 -21.00 22.51
CA ALA A 876 6.48 -20.66 23.92
C ALA A 876 5.37 -21.29 24.77
N ALA A 877 4.15 -21.21 24.27
CA ALA A 877 3.02 -21.85 24.94
C ALA A 877 3.24 -23.37 25.00
N PHE A 878 3.77 -23.91 23.92
CA PHE A 878 4.09 -25.34 23.83
C PHE A 878 5.07 -25.75 24.92
N LEU A 879 6.16 -24.99 25.05
CA LEU A 879 7.19 -25.30 26.05
C LEU A 879 6.67 -25.13 27.47
N THR A 880 5.99 -24.02 27.72
CA THR A 880 5.42 -23.74 29.04
C THR A 880 4.46 -24.85 29.45
N ARG A 881 3.69 -25.34 28.47
CA ARG A 881 2.72 -26.40 28.70
C ARG A 881 3.41 -27.70 29.10
N LEU A 882 4.61 -27.93 28.56
CA LEU A 882 5.39 -29.11 28.88
C LEU A 882 6.14 -28.93 30.20
N GLY A 883 6.00 -27.74 30.79
CA GLY A 883 6.60 -27.45 32.08
C GLY A 883 8.01 -26.90 32.00
N ALA A 884 8.25 -26.03 31.03
CA ALA A 884 9.56 -25.42 30.86
C ALA A 884 9.69 -24.13 31.67
N GLY A 885 8.61 -23.74 32.33
CA GLY A 885 8.62 -22.56 33.18
C GLY A 885 7.84 -21.39 32.59
N THR A 886 7.63 -20.37 33.43
CA THR A 886 6.88 -19.19 33.01
C THR A 886 7.75 -18.22 32.22
N ASP A 887 9.06 -18.33 32.41
CA ASP A 887 10.01 -17.48 31.71
C ASP A 887 10.93 -18.30 30.82
N ILE A 888 10.75 -18.16 29.51
CA ILE A 888 11.51 -18.94 28.55
C ILE A 888 12.21 -18.06 27.51
N PRO A 889 13.54 -18.03 27.56
CA PRO A 889 14.33 -17.33 26.54
C PRO A 889 14.64 -18.24 25.36
N ILE A 890 14.22 -17.85 24.16
CA ILE A 890 14.56 -18.64 22.97
C ILE A 890 15.29 -17.79 21.94
N GLY A 891 16.31 -18.38 21.33
CA GLY A 891 17.12 -17.67 20.35
C GLY A 891 16.62 -17.85 18.94
N SER A 892 16.81 -16.83 18.11
CA SER A 892 16.44 -16.90 16.71
C SER A 892 17.47 -16.14 15.86
N PRO A 893 17.81 -16.69 14.69
CA PRO A 893 18.89 -16.10 13.90
C PRO A 893 18.44 -14.94 13.01
N ILE A 894 19.37 -14.03 12.71
CA ILE A 894 19.11 -12.90 11.84
C ILE A 894 20.16 -12.87 10.73
N ALA A 895 19.74 -12.45 9.53
CA ALA A 895 20.63 -12.37 8.38
C ALA A 895 21.86 -11.51 8.68
N GLY A 896 21.65 -10.43 9.42
CA GLY A 896 22.73 -9.55 9.82
C GLY A 896 23.43 -8.91 8.63
N ARG A 897 22.67 -8.64 7.58
CA ARG A 897 23.22 -8.06 6.36
C ARG A 897 22.50 -6.76 5.98
N ASN A 898 22.53 -5.79 6.89
CA ASN A 898 21.80 -4.54 6.67
C ASN A 898 22.43 -3.65 5.60
N ASP A 899 23.76 -3.71 5.47
CA ASP A 899 24.44 -2.91 4.47
C ASP A 899 24.19 -3.48 3.08
N ASP A 900 24.19 -2.61 2.07
CA ASP A 900 23.92 -3.02 0.71
C ASP A 900 25.13 -3.69 0.07
N SER A 901 26.32 -3.39 0.57
CA SER A 901 27.54 -3.93 0.01
C SER A 901 27.74 -5.40 0.38
N LEU A 902 27.04 -5.85 1.40
CA LEU A 902 27.16 -7.22 1.89
C LEU A 902 26.15 -8.15 1.21
N GLU A 903 25.50 -7.66 0.17
CA GLU A 903 24.41 -8.38 -0.48
C GLU A 903 24.86 -9.67 -1.16
N HIS A 904 26.04 -9.66 -1.77
CA HIS A 904 26.50 -10.79 -2.55
C HIS A 904 27.71 -11.48 -1.95
N LEU A 905 28.15 -11.02 -0.78
CA LEU A 905 29.31 -11.59 -0.12
C LEU A 905 29.02 -12.98 0.46
N VAL A 906 29.90 -13.93 0.17
CA VAL A 906 29.81 -15.26 0.75
C VAL A 906 30.63 -15.32 2.02
N GLY A 907 29.95 -15.39 3.17
CA GLY A 907 30.63 -15.40 4.45
C GLY A 907 29.67 -15.64 5.61
N LEU A 908 30.17 -15.49 6.83
CA LEU A 908 29.34 -15.65 8.01
C LEU A 908 28.89 -14.30 8.54
N PHE A 909 27.59 -14.03 8.45
CA PHE A 909 27.03 -12.75 8.86
C PHE A 909 25.92 -12.94 9.90
N ILE A 910 25.48 -14.18 10.06
CA ILE A 910 24.34 -14.51 10.92
C ILE A 910 24.51 -14.04 12.36
N ASN A 911 23.55 -13.24 12.81
CA ASN A 911 23.50 -12.84 14.22
C ASN A 911 22.41 -13.66 14.92
N THR A 912 22.23 -13.45 16.22
CA THR A 912 21.19 -14.16 16.95
C THR A 912 20.57 -13.31 18.03
N LEU A 913 19.25 -13.15 17.96
CA LEU A 913 18.50 -12.42 18.97
C LEU A 913 17.98 -13.37 20.03
N VAL A 914 18.08 -12.96 21.29
CA VAL A 914 17.52 -13.72 22.40
C VAL A 914 16.16 -13.14 22.77
N LEU A 915 15.11 -13.78 22.27
CA LEU A 915 13.75 -13.36 22.58
C LEU A 915 13.31 -13.97 23.90
N ARG A 916 13.26 -13.14 24.94
CA ARG A 916 12.86 -13.58 26.27
C ARG A 916 11.35 -13.49 26.43
N MET A 917 10.71 -14.64 26.55
CA MET A 917 9.24 -14.67 26.58
C MET A 917 8.69 -15.01 27.95
N ASP A 918 7.60 -14.35 28.30
CA ASP A 918 6.94 -14.58 29.58
C ASP A 918 5.54 -15.15 29.36
N THR A 919 5.32 -16.35 29.87
CA THR A 919 4.03 -17.02 29.70
C THR A 919 3.27 -17.10 31.01
N SER A 920 3.75 -16.38 32.01
CA SER A 920 3.11 -16.36 33.32
C SER A 920 1.76 -15.64 33.26
N GLY A 921 0.92 -15.90 34.25
CA GLY A 921 -0.38 -15.25 34.35
C GLY A 921 -1.50 -16.02 33.69
N ASN A 922 -1.16 -17.17 33.11
CA ASN A 922 -2.11 -18.00 32.37
C ASN A 922 -2.92 -17.18 31.37
N PRO A 923 -2.24 -16.60 30.37
CA PRO A 923 -2.93 -15.68 29.46
C PRO A 923 -3.57 -16.39 28.28
N SER A 924 -4.42 -15.67 27.55
CA SER A 924 -4.96 -16.20 26.31
C SER A 924 -3.87 -16.15 25.25
N PHE A 925 -4.06 -16.92 24.18
CA PHE A 925 -3.09 -16.94 23.08
C PHE A 925 -2.98 -15.56 22.44
N ARG A 926 -4.06 -14.80 22.51
CA ARG A 926 -4.11 -13.44 22.01
C ARG A 926 -3.18 -12.52 22.80
N GLU A 927 -3.34 -12.54 24.12
CA GLU A 927 -2.54 -11.74 25.04
C GLU A 927 -1.07 -12.10 24.94
N LEU A 928 -0.80 -13.40 24.94
CA LEU A 928 0.56 -13.92 24.78
C LEU A 928 1.15 -13.43 23.46
N LEU A 929 0.33 -13.44 22.41
CA LEU A 929 0.76 -12.98 21.10
C LEU A 929 1.14 -11.50 21.15
N GLY A 930 0.37 -10.72 21.91
CA GLY A 930 0.69 -9.32 22.10
C GLY A 930 2.04 -9.16 22.78
N ARG A 931 2.26 -9.94 23.84
CA ARG A 931 3.54 -9.95 24.54
C ARG A 931 4.70 -10.23 23.60
N VAL A 932 4.59 -11.33 22.86
CA VAL A 932 5.62 -11.74 21.90
C VAL A 932 5.87 -10.64 20.87
N ARG A 933 4.80 -10.00 20.42
CA ARG A 933 4.91 -8.88 19.49
C ARG A 933 5.76 -7.75 20.07
N GLU A 934 5.45 -7.36 21.30
CA GLU A 934 6.21 -6.31 21.97
C GLU A 934 7.68 -6.70 22.10
N VAL A 935 7.93 -7.94 22.50
CA VAL A 935 9.29 -8.44 22.67
C VAL A 935 10.08 -8.37 21.36
N ASN A 936 9.48 -8.88 20.29
CA ASN A 936 10.12 -8.87 18.97
C ASN A 936 10.39 -7.46 18.47
N LEU A 937 9.36 -6.61 18.48
CA LEU A 937 9.51 -5.24 18.02
C LEU A 937 10.56 -4.48 18.82
N SER A 938 10.67 -4.79 20.10
CA SER A 938 11.68 -4.17 20.96
C SER A 938 13.06 -4.70 20.62
N ALA A 939 13.14 -5.97 20.26
CA ALA A 939 14.41 -6.59 19.93
C ALA A 939 14.97 -6.10 18.60
N TYR A 940 14.06 -5.81 17.66
CA TYR A 940 14.46 -5.41 16.31
C TYR A 940 15.22 -4.10 16.30
N GLU A 941 14.91 -3.23 17.27
CA GLU A 941 15.55 -1.92 17.34
C GLU A 941 16.92 -1.99 18.00
N ASN A 942 17.36 -3.19 18.34
CA ASN A 942 18.66 -3.40 18.96
C ASN A 942 19.41 -4.57 18.34
N GLN A 943 19.10 -4.86 17.08
CA GLN A 943 19.68 -6.01 16.40
C GLN A 943 21.13 -5.78 15.97
N ASP A 944 21.53 -4.51 15.91
CA ASP A 944 22.88 -4.16 15.46
C ASP A 944 23.90 -4.31 16.58
N ILE A 945 24.01 -5.53 17.11
CA ILE A 945 25.04 -5.87 18.09
C ILE A 945 25.27 -7.37 18.08
N PRO A 946 26.54 -7.79 18.06
CA PRO A 946 26.86 -9.22 18.04
C PRO A 946 26.37 -9.95 19.28
N PHE A 947 25.81 -11.14 19.07
CA PHE A 947 25.39 -11.99 20.18
C PHE A 947 26.61 -12.37 21.03
N GLU A 948 27.72 -12.61 20.35
CA GLU A 948 28.98 -12.95 21.01
C GLU A 948 29.41 -11.91 22.03
N ARG A 949 29.24 -10.63 21.68
CA ARG A 949 29.58 -9.54 22.60
C ARG A 949 28.73 -9.60 23.86
N LEU A 950 27.45 -9.91 23.68
CA LEU A 950 26.55 -10.06 24.82
C LEU A 950 26.97 -11.22 25.71
N VAL A 951 27.38 -12.33 25.07
CA VAL A 951 27.87 -13.48 25.82
C VAL A 951 29.11 -13.12 26.63
N GLU A 952 30.01 -12.35 26.02
CA GLU A 952 31.23 -11.90 26.67
C GLU A 952 30.94 -10.97 27.84
N ILE A 953 29.92 -10.13 27.68
CA ILE A 953 29.62 -9.10 28.67
C ILE A 953 28.82 -9.64 29.87
N LEU A 954 27.91 -10.57 29.63
CA LEU A 954 27.04 -11.09 30.69
C LEU A 954 27.76 -11.98 31.70
N ASN A 955 28.51 -12.96 31.19
CA ASN A 955 29.35 -13.80 32.04
C ASN A 955 30.84 -13.59 31.83
N HIS A 963 24.53 -24.13 25.76
CA HIS A 963 24.70 -22.81 25.21
C HIS A 963 24.54 -21.74 26.30
N PRO A 964 25.35 -20.67 26.22
CA PRO A 964 25.38 -19.54 27.16
C PRO A 964 24.02 -19.03 27.65
N LEU A 965 23.20 -18.48 26.77
CA LEU A 965 22.02 -17.74 27.20
C LEU A 965 20.68 -18.41 26.90
N PHE A 966 20.67 -19.38 25.99
CA PHE A 966 19.45 -20.08 25.65
C PHE A 966 19.74 -21.50 25.17
N GLN A 967 18.93 -22.46 25.62
CA GLN A 967 19.16 -23.85 25.27
C GLN A 967 18.19 -24.30 24.18
N VAL A 968 17.30 -23.39 23.79
CA VAL A 968 16.29 -23.71 22.79
C VAL A 968 16.33 -22.71 21.63
N MET A 969 16.40 -23.24 20.40
CA MET A 969 16.56 -22.43 19.21
C MET A 969 15.32 -22.47 18.32
N PHE A 970 14.96 -21.34 17.72
CA PHE A 970 13.85 -21.31 16.77
C PHE A 970 14.23 -20.59 15.48
N VAL A 971 14.30 -21.36 14.39
CA VAL A 971 14.66 -20.83 13.08
C VAL A 971 13.46 -20.79 12.16
N PHE A 972 13.18 -19.62 11.59
CA PHE A 972 12.06 -19.46 10.68
C PHE A 972 12.53 -19.03 9.28
N GLN A 973 12.21 -19.85 8.28
CA GLN A 973 12.61 -19.57 6.91
C GLN A 973 11.42 -19.19 6.05
N ASN A 974 11.53 -18.05 5.37
CA ASN A 974 10.46 -17.57 4.51
C ASN A 974 10.84 -17.66 3.04
N THR A 975 12.11 -17.42 2.75
CA THR A 975 12.64 -17.48 1.40
C THR A 975 12.67 -18.94 0.89
N PRO A 976 12.67 -19.13 -0.44
CA PRO A 976 12.72 -20.50 -0.96
C PRO A 976 14.14 -21.04 -1.08
N GLU A 977 14.28 -22.37 -1.10
CA GLU A 977 15.58 -23.02 -1.14
C GLU A 977 16.33 -22.72 -2.43
N PRO A 978 17.65 -22.50 -2.32
CA PRO A 978 18.50 -22.20 -3.48
C PRO A 978 18.60 -23.36 -4.47
N LYS A 979 19.00 -23.06 -5.70
CA LYS A 979 19.18 -24.09 -6.71
C LYS A 979 20.30 -23.69 -7.67
N LEU A 980 20.94 -24.69 -8.27
CA LEU A 980 22.09 -24.44 -9.14
C LEU A 980 21.68 -23.97 -10.53
N GLU A 981 20.81 -24.73 -11.18
CA GLU A 981 20.33 -24.41 -12.52
C GLU A 981 21.47 -24.37 -13.53
N LEU A 982 22.22 -25.46 -13.63
CA LEU A 982 23.31 -25.57 -14.58
C LEU A 982 22.78 -25.84 -15.98
N GLN A 983 23.57 -25.47 -17.00
CA GLN A 983 23.16 -25.65 -18.38
C GLN A 983 23.16 -27.12 -18.79
N GLY A 984 22.06 -27.56 -19.40
CA GLY A 984 21.94 -28.92 -19.88
C GLY A 984 21.95 -29.96 -18.77
N LEU A 985 21.52 -29.56 -17.58
CA LEU A 985 21.53 -30.45 -16.43
C LEU A 985 20.29 -30.28 -15.56
N GLU A 986 19.73 -31.41 -15.11
CA GLU A 986 18.65 -31.38 -14.14
C GLU A 986 19.23 -31.39 -12.73
N SER A 987 19.03 -30.29 -12.02
CA SER A 987 19.60 -30.13 -10.68
C SER A 987 18.56 -30.34 -9.58
N ARG A 988 18.94 -31.08 -8.55
CA ARG A 988 18.08 -31.26 -7.39
C ARG A 988 18.92 -31.07 -6.14
N LEU A 989 18.81 -29.89 -5.53
CA LEU A 989 19.66 -29.53 -4.42
C LEU A 989 18.99 -29.74 -3.06
N GLU A 990 19.77 -30.25 -2.12
CA GLU A 990 19.33 -30.43 -0.75
C GLU A 990 20.49 -30.23 0.22
N ILE A 991 20.19 -29.78 1.42
CA ILE A 991 21.19 -29.65 2.47
C ILE A 991 21.11 -30.84 3.42
N ARG A 992 22.16 -31.66 3.43
CA ARG A 992 22.16 -32.90 4.19
C ARG A 992 22.40 -32.64 5.68
N SER A 993 21.83 -33.49 6.52
CA SER A 993 22.06 -33.42 7.96
C SER A 993 23.37 -34.09 8.31
N VAL A 994 24.07 -33.54 9.31
CA VAL A 994 25.32 -34.11 9.77
C VAL A 994 25.06 -35.16 10.84
N GLY A 995 23.93 -35.02 11.54
CA GLY A 995 23.58 -35.93 12.60
C GLY A 995 23.99 -35.38 13.96
N THR A 996 24.14 -34.06 14.04
CA THR A 996 24.56 -33.40 15.26
C THR A 996 23.49 -32.44 15.77
N ALA A 997 23.66 -31.96 16.99
CA ALA A 997 22.73 -31.01 17.59
C ALA A 997 23.44 -29.80 18.15
N LYS A 998 23.21 -28.64 17.52
CA LYS A 998 23.84 -27.40 17.96
C LYS A 998 23.28 -26.96 19.30
N PHE A 999 22.06 -27.39 19.59
CA PHE A 999 21.38 -27.03 20.84
C PHE A 999 20.70 -28.25 21.44
N ASP A 1000 20.06 -28.05 22.58
CA ASP A 1000 19.28 -29.11 23.22
C ASP A 1000 18.04 -29.41 22.38
N LEU A 1001 17.36 -28.34 21.96
CA LEU A 1001 16.18 -28.48 21.12
C LEU A 1001 16.06 -27.31 20.14
N THR A 1002 15.97 -27.63 18.86
CA THR A 1002 15.86 -26.63 17.82
C THR A 1002 14.64 -26.90 16.94
N LEU A 1003 13.80 -25.88 16.78
CA LEU A 1003 12.64 -25.98 15.91
C LEU A 1003 12.84 -25.15 14.66
N GLU A 1004 12.77 -25.79 13.50
CA GLU A 1004 12.92 -25.07 12.24
C GLU A 1004 11.65 -25.15 11.41
N LEU A 1005 11.08 -24.00 11.06
CA LEU A 1005 9.86 -23.96 10.25
C LEU A 1005 10.05 -23.17 8.97
N ARG A 1006 9.84 -23.84 7.84
CA ARG A 1006 9.97 -23.21 6.53
C ARG A 1006 8.60 -23.05 5.87
N GLU A 1007 8.33 -21.82 5.43
CA GLU A 1007 7.06 -21.48 4.80
C GLU A 1007 7.13 -21.65 3.28
N ARG A 1008 6.31 -22.53 2.74
CA ARG A 1008 6.31 -22.76 1.30
C ARG A 1008 5.16 -21.98 0.64
N ARG A 1009 5.49 -21.28 -0.45
CA ARG A 1009 4.50 -20.50 -1.17
C ARG A 1009 4.12 -21.18 -2.48
N GLY A 1010 2.86 -21.00 -2.88
CA GLY A 1010 2.30 -21.67 -4.04
C GLY A 1010 2.70 -21.04 -5.35
N GLU A 1011 2.22 -21.60 -6.46
CA GLU A 1011 2.61 -21.11 -7.77
C GLU A 1011 2.09 -19.67 -7.92
N ASP A 1012 0.83 -19.50 -7.55
CA ASP A 1012 0.16 -18.19 -7.54
C ASP A 1012 0.79 -17.23 -6.55
N GLY A 1013 1.23 -17.76 -5.40
CA GLY A 1013 1.74 -16.93 -4.32
C GLY A 1013 0.94 -17.20 -3.06
N SER A 1014 -0.06 -18.06 -3.20
CA SER A 1014 -0.91 -18.45 -2.09
C SER A 1014 -0.19 -19.45 -1.19
N PRO A 1015 -0.53 -19.46 0.12
CA PRO A 1015 0.07 -20.38 1.08
C PRO A 1015 -0.10 -21.85 0.68
N ASP A 1016 1.02 -22.58 0.60
CA ASP A 1016 0.99 -23.98 0.20
C ASP A 1016 1.33 -24.91 1.35
N GLY A 1017 1.43 -24.36 2.56
CA GLY A 1017 1.68 -25.16 3.74
C GLY A 1017 2.97 -24.82 4.47
N LEU A 1018 3.25 -25.56 5.53
CA LEU A 1018 4.47 -25.37 6.31
C LEU A 1018 5.26 -26.67 6.44
N ILE A 1019 6.58 -26.58 6.28
CA ILE A 1019 7.43 -27.75 6.44
C ILE A 1019 8.40 -27.53 7.60
N GLY A 1020 8.26 -28.33 8.65
CA GLY A 1020 9.06 -28.15 9.85
C GLY A 1020 9.87 -29.35 10.27
N LEU A 1021 10.90 -29.11 11.09
CA LEU A 1021 11.69 -30.19 11.65
C LEU A 1021 12.17 -29.86 13.07
N PHE A 1022 12.31 -30.90 13.88
CA PHE A 1022 12.87 -30.81 15.21
C PHE A 1022 14.26 -31.43 15.25
N GLU A 1023 15.27 -30.60 15.52
CA GLU A 1023 16.62 -31.09 15.72
C GLU A 1023 16.91 -31.18 17.22
N TYR A 1024 17.01 -32.40 17.74
CA TYR A 1024 17.12 -32.60 19.18
C TYR A 1024 18.42 -33.31 19.56
N SER A 1025 18.87 -33.09 20.80
CA SER A 1025 20.03 -33.80 21.31
C SER A 1025 19.68 -35.27 21.54
N ARG A 1026 20.49 -36.16 20.99
CA ARG A 1026 20.21 -37.60 21.06
C ARG A 1026 20.34 -38.14 22.48
N ASP A 1027 21.16 -37.48 23.30
CA ASP A 1027 21.42 -37.96 24.65
C ASP A 1027 20.45 -37.41 25.69
N LEU A 1028 19.56 -36.52 25.25
CA LEU A 1028 18.58 -35.93 26.16
C LEU A 1028 17.16 -36.40 25.84
N PHE A 1029 16.93 -36.81 24.60
CA PHE A 1029 15.61 -37.24 24.18
C PHE A 1029 15.65 -38.54 23.40
N ASP A 1030 14.49 -39.20 23.31
CA ASP A 1030 14.32 -40.32 22.41
C ASP A 1030 13.61 -39.83 21.16
N HIS A 1031 13.72 -40.59 20.07
CA HIS A 1031 13.09 -40.20 18.82
C HIS A 1031 11.57 -40.12 19.00
N THR A 1032 11.03 -41.07 19.77
CA THR A 1032 9.59 -41.12 20.03
C THR A 1032 9.08 -39.87 20.75
N THR A 1033 9.84 -39.41 21.74
CA THR A 1033 9.45 -38.27 22.55
C THR A 1033 9.27 -37.00 21.72
N VAL A 1034 10.31 -36.64 20.97
CA VAL A 1034 10.26 -35.47 20.11
C VAL A 1034 9.26 -35.67 18.97
N GLU A 1035 9.10 -36.92 18.54
CA GLU A 1035 8.11 -37.27 17.54
C GLU A 1035 6.71 -36.92 18.07
N ALA A 1036 6.55 -37.05 19.38
CA ALA A 1036 5.30 -36.66 20.03
C ALA A 1036 5.24 -35.14 20.21
N PHE A 1037 6.39 -34.52 20.42
CA PHE A 1037 6.49 -33.07 20.54
C PHE A 1037 5.93 -32.39 19.29
N ALA A 1038 6.26 -32.95 18.12
CA ALA A 1038 5.77 -32.42 16.86
C ALA A 1038 4.24 -32.41 16.81
N LYS A 1039 3.65 -33.59 17.04
CA LYS A 1039 2.21 -33.77 17.02
C LYS A 1039 1.51 -32.82 17.99
N ARG A 1040 2.04 -32.75 19.21
CA ARG A 1040 1.47 -31.88 20.23
C ARG A 1040 1.55 -30.41 19.82
N LEU A 1041 2.66 -30.02 19.19
CA LEU A 1041 2.82 -28.65 18.72
C LEU A 1041 1.77 -28.31 17.66
N CYS A 1042 1.64 -29.18 16.67
CA CYS A 1042 0.66 -28.96 15.61
C CYS A 1042 -0.76 -28.88 16.15
N GLN A 1043 -1.12 -29.84 17.01
CA GLN A 1043 -2.43 -29.85 17.64
C GLN A 1043 -2.68 -28.58 18.43
N LEU A 1044 -1.65 -28.09 19.11
CA LEU A 1044 -1.74 -26.84 19.84
C LEU A 1044 -2.05 -25.69 18.90
N LEU A 1045 -1.37 -25.68 17.75
CA LEU A 1045 -1.60 -24.63 16.77
C LEU A 1045 -3.04 -24.64 16.27
N ARG A 1046 -3.55 -25.81 15.88
CA ARG A 1046 -4.95 -25.89 15.46
C ARG A 1046 -5.88 -25.44 16.58
N GLU A 1047 -5.54 -25.83 17.80
CA GLU A 1047 -6.32 -25.49 18.98
C GLU A 1047 -6.47 -23.97 19.14
N VAL A 1048 -5.34 -23.26 19.08
CA VAL A 1048 -5.38 -21.81 19.26
C VAL A 1048 -5.90 -21.09 18.01
N VAL A 1049 -5.90 -21.78 16.87
CA VAL A 1049 -6.46 -21.21 15.65
C VAL A 1049 -7.99 -21.23 15.73
N MET A 1050 -8.56 -22.34 16.19
CA MET A 1050 -10.00 -22.45 16.37
C MET A 1050 -10.52 -21.39 17.33
N ASN A 1051 -9.80 -21.18 18.42
CA ASN A 1051 -10.15 -20.15 19.39
C ASN A 1051 -8.91 -19.46 19.95
N PRO A 1052 -8.65 -18.22 19.49
CA PRO A 1052 -7.48 -17.45 19.96
C PRO A 1052 -7.65 -16.89 21.36
N ASP A 1053 -8.88 -16.91 21.89
CA ASP A 1053 -9.15 -16.37 23.21
C ASP A 1053 -8.97 -17.41 24.31
N LEU A 1054 -8.63 -18.63 23.92
CA LEU A 1054 -8.45 -19.72 24.88
C LEU A 1054 -7.18 -19.54 25.71
N PRO A 1055 -7.31 -19.68 27.03
CA PRO A 1055 -6.14 -19.66 27.92
C PRO A 1055 -5.19 -20.81 27.60
N ILE A 1056 -3.89 -20.54 27.57
CA ILE A 1056 -2.93 -21.56 27.17
C ILE A 1056 -2.89 -22.72 28.15
N GLY A 1057 -3.37 -22.50 29.37
CA GLY A 1057 -3.42 -23.54 30.37
C GLY A 1057 -4.57 -24.52 30.15
N GLN A 1058 -5.47 -24.17 29.23
CA GLN A 1058 -6.63 -25.01 28.95
C GLN A 1058 -6.49 -25.75 27.62
N ILE A 1059 -5.37 -25.55 26.94
CA ILE A 1059 -5.10 -26.23 25.68
C ILE A 1059 -4.97 -27.73 25.88
N ASP A 1060 -5.70 -28.51 25.08
CA ASP A 1060 -5.59 -29.97 25.14
C ASP A 1060 -4.24 -30.42 24.62
N MET A 1061 -3.49 -31.11 25.47
CA MET A 1061 -2.13 -31.52 25.14
C MET A 1061 -2.02 -33.03 24.98
N LEU A 1062 -3.16 -33.69 24.85
CA LEU A 1062 -3.20 -35.15 24.74
C LEU A 1062 -3.43 -35.60 23.30
N LEU A 1063 -2.72 -36.66 22.91
CA LEU A 1063 -2.85 -37.21 21.56
C LEU A 1063 -3.99 -38.24 21.52
N PRO A 1064 -4.62 -38.39 20.33
CA PRO A 1064 -5.72 -39.34 20.14
C PRO A 1064 -5.36 -40.76 20.60
N GLU A 1065 -4.17 -41.22 20.23
CA GLU A 1065 -3.70 -42.55 20.59
C GLU A 1065 -3.63 -42.72 22.11
N GLU A 1066 -3.41 -41.61 22.81
CA GLU A 1066 -3.37 -41.62 24.26
C GLU A 1066 -4.78 -41.56 24.84
N ARG A 1067 -5.64 -40.77 24.18
CA ARG A 1067 -7.03 -40.63 24.60
C ARG A 1067 -7.79 -41.95 24.52
N LYS A 1068 -7.49 -42.76 23.51
CA LYS A 1068 -8.15 -44.05 23.36
C LYS A 1068 -7.93 -44.96 24.58
N LYS A 1069 -6.66 -45.20 24.92
CA LYS A 1069 -6.32 -46.03 26.07
C LYS A 1069 -6.81 -45.40 27.37
N LEU A 1070 -6.67 -44.09 27.45
CA LEU A 1070 -7.10 -43.33 28.62
C LEU A 1070 -8.57 -43.54 28.92
N LEU A 1071 -9.40 -43.50 27.89
CA LEU A 1071 -10.83 -43.74 28.03
C LEU A 1071 -11.13 -45.22 28.24
N ALA A 1072 -10.26 -46.07 27.71
CA ALA A 1072 -10.42 -47.51 27.86
C ALA A 1072 -10.28 -47.94 29.33
N ALA A 1073 -9.30 -47.36 30.02
CA ALA A 1073 -9.07 -47.66 31.43
C ALA A 1073 -10.32 -47.39 32.27
N ALA A 1074 -10.90 -46.20 32.09
CA ALA A 1074 -12.10 -45.82 32.83
C ALA A 1074 -13.31 -46.61 32.34
N GLU A 1075 -13.25 -47.06 31.09
CA GLU A 1075 -14.29 -47.93 30.55
C GLU A 1075 -14.30 -49.25 31.31
N ASN A 1076 -13.10 -49.71 31.68
CA ASN A 1076 -13.00 -50.95 32.46
C ASN A 1076 -13.25 -50.75 33.95
N LEU A 1077 -12.98 -49.54 34.45
CA LEU A 1077 -13.18 -49.27 35.86
C LEU A 1077 -14.65 -49.18 36.26
N TYR A 1078 -15.37 -48.25 35.62
CA TYR A 1078 -16.75 -47.96 36.01
C TYR A 1078 -17.74 -49.02 35.55
N PHE A 1079 -17.27 -49.95 34.72
CA PHE A 1079 -18.13 -51.02 34.24
C PHE A 1079 -17.37 -52.34 34.13
N THR B 6 -4.01 28.77 -28.35
CA THR B 6 -4.23 29.15 -26.97
C THR B 6 -5.64 29.67 -26.74
N ASN B 7 -6.10 29.61 -25.49
CA ASN B 7 -7.44 30.06 -25.13
C ASN B 7 -7.59 31.57 -25.25
N PRO B 8 -8.74 32.04 -25.75
CA PRO B 8 -9.04 33.47 -25.91
C PRO B 8 -8.82 34.30 -24.65
N PHE B 9 -9.07 33.69 -23.49
CA PHE B 9 -8.96 34.39 -22.22
C PHE B 9 -7.60 34.17 -21.56
N GLU B 10 -6.93 33.09 -21.94
CA GLU B 10 -5.66 32.72 -21.33
C GLU B 10 -4.49 33.53 -21.87
N ASN B 11 -4.69 34.15 -23.03
CA ASN B 11 -3.64 34.97 -23.64
C ASN B 11 -3.28 36.18 -22.79
N LYS B 12 -2.02 36.23 -22.35
CA LYS B 12 -1.55 37.31 -21.51
C LYS B 12 -1.24 38.56 -22.32
N GLU B 13 -0.53 38.38 -23.43
CA GLU B 13 -0.15 39.49 -24.30
C GLU B 13 -1.25 39.84 -25.29
N GLY B 14 -2.38 40.32 -24.78
CA GLY B 14 -3.51 40.68 -25.62
C GLY B 14 -4.36 41.78 -25.02
N THR B 15 -5.28 42.31 -25.82
CA THR B 15 -6.17 43.37 -25.38
C THR B 15 -7.47 42.78 -24.84
N TYR B 16 -7.97 43.33 -23.74
CA TYR B 16 -9.18 42.81 -23.12
C TYR B 16 -10.19 43.90 -22.75
N LEU B 17 -11.26 43.48 -22.08
CA LEU B 17 -12.40 44.31 -21.75
C LEU B 17 -13.06 43.79 -20.49
N VAL B 18 -13.66 44.68 -19.71
CA VAL B 18 -14.45 44.23 -18.57
C VAL B 18 -15.93 44.54 -18.80
N LEU B 19 -16.68 43.47 -19.05
CA LEU B 19 -18.12 43.57 -19.28
C LEU B 19 -18.88 43.38 -17.97
N ILE B 20 -19.97 44.14 -17.81
CA ILE B 20 -20.78 44.04 -16.60
C ILE B 20 -22.17 43.51 -16.92
N ASN B 21 -22.76 42.80 -15.96
CA ASN B 21 -24.06 42.18 -16.13
C ASN B 21 -25.16 43.04 -15.51
N ASP B 22 -26.40 42.73 -15.85
CA ASP B 22 -27.56 43.31 -15.18
C ASP B 22 -27.57 42.89 -13.71
N GLU B 23 -27.10 41.68 -13.45
CA GLU B 23 -27.02 41.14 -12.09
C GLU B 23 -25.77 41.64 -11.37
N GLY B 24 -25.01 42.52 -12.01
CA GLY B 24 -23.81 43.07 -11.41
C GLY B 24 -22.64 42.12 -11.45
N GLN B 25 -22.73 41.12 -12.32
CA GLN B 25 -21.67 40.13 -12.46
C GLN B 25 -20.66 40.58 -13.52
N TYR B 26 -19.39 40.57 -13.17
CA TYR B 26 -18.34 41.01 -14.09
C TYR B 26 -17.77 39.85 -14.90
N SER B 27 -17.26 40.17 -16.09
CA SER B 27 -16.74 39.16 -16.99
C SER B 27 -15.65 39.73 -17.90
N LEU B 28 -14.50 39.07 -17.90
CA LEU B 28 -13.42 39.43 -18.81
C LEU B 28 -13.85 39.12 -20.24
N TRP B 29 -13.32 39.85 -21.20
CA TRP B 29 -13.71 39.62 -22.60
C TRP B 29 -12.63 40.05 -23.59
N PRO B 30 -12.31 39.17 -24.55
CA PRO B 30 -11.35 39.53 -25.59
C PRO B 30 -11.87 40.67 -26.46
N ALA B 31 -11.08 41.72 -26.62
CA ALA B 31 -11.51 42.93 -27.33
C ALA B 31 -11.91 42.66 -28.78
N SER B 32 -11.32 41.62 -29.36
CA SER B 32 -11.59 41.29 -30.77
C SER B 32 -12.98 40.67 -30.97
N ILE B 33 -13.39 39.83 -30.03
CA ILE B 33 -14.67 39.12 -30.14
C ILE B 33 -15.85 40.07 -29.86
N ALA B 34 -16.94 39.91 -30.63
CA ALA B 34 -18.13 40.73 -30.44
C ALA B 34 -18.78 40.50 -29.09
N ILE B 35 -19.23 41.59 -28.47
CA ILE B 35 -19.87 41.56 -27.16
C ILE B 35 -21.26 40.93 -27.21
N PRO B 36 -21.53 39.96 -26.32
CA PRO B 36 -22.84 39.30 -26.22
C PRO B 36 -23.96 40.26 -25.81
N PRO B 37 -25.22 39.88 -26.05
CA PRO B 37 -26.36 40.71 -25.64
C PRO B 37 -26.58 40.65 -24.13
N GLY B 38 -26.95 41.78 -23.53
CA GLY B 38 -27.18 41.84 -22.10
C GLY B 38 -25.90 42.10 -21.33
N TRP B 39 -24.87 42.52 -22.03
CA TRP B 39 -23.58 42.82 -21.43
C TRP B 39 -23.04 44.17 -21.90
N ASN B 40 -22.73 45.05 -20.96
CA ASN B 40 -22.20 46.36 -21.29
C ASN B 40 -20.75 46.51 -20.84
N ILE B 41 -20.02 47.41 -21.48
CA ILE B 41 -18.63 47.64 -21.14
C ILE B 41 -18.50 48.43 -19.85
N ALA B 42 -17.84 47.83 -18.86
CA ALA B 42 -17.57 48.52 -17.60
C ALA B 42 -16.16 49.08 -17.60
N PHE B 43 -15.23 48.37 -18.23
CA PHE B 43 -13.86 48.86 -18.34
C PHE B 43 -13.34 48.67 -19.76
N ALA B 44 -12.98 49.77 -20.41
CA ALA B 44 -12.63 49.80 -21.82
C ALA B 44 -11.34 49.05 -22.15
N GLU B 45 -10.95 49.11 -23.42
CA GLU B 45 -9.81 48.35 -23.92
C GLU B 45 -8.53 48.65 -23.15
N ASN B 46 -7.97 47.60 -22.53
CA ASN B 46 -6.79 47.74 -21.70
C ASN B 46 -6.11 46.39 -21.49
N THR B 47 -4.94 46.40 -20.86
CA THR B 47 -4.19 45.18 -20.60
C THR B 47 -4.98 44.26 -19.66
N ARG B 48 -4.86 42.95 -19.88
CA ARG B 48 -5.53 41.94 -19.08
C ARG B 48 -5.35 42.14 -17.58
N SER B 49 -4.12 42.46 -17.18
CA SER B 49 -3.80 42.71 -15.78
C SER B 49 -4.61 43.88 -15.22
N ALA B 50 -4.67 44.97 -15.98
CA ALA B 50 -5.43 46.15 -15.58
C ALA B 50 -6.92 45.84 -15.46
N CYS B 51 -7.41 45.04 -16.39
CA CYS B 51 -8.81 44.62 -16.38
C CYS B 51 -9.12 43.84 -15.11
N LEU B 52 -8.31 42.82 -14.83
CA LEU B 52 -8.49 42.00 -13.64
C LEU B 52 -8.36 42.83 -12.37
N ASP B 53 -7.52 43.87 -12.42
CA ASP B 53 -7.39 44.79 -11.30
C ASP B 53 -8.68 45.57 -11.09
N TYR B 54 -9.27 46.03 -12.19
CA TYR B 54 -10.56 46.72 -12.14
C TYR B 54 -11.63 45.81 -11.51
N ILE B 55 -11.67 44.57 -11.99
CA ILE B 55 -12.62 43.58 -11.47
C ILE B 55 -12.42 43.36 -9.98
N ASN B 56 -11.17 43.26 -9.56
CA ASN B 56 -10.84 43.10 -8.14
C ASN B 56 -11.25 44.31 -7.31
N ALA B 57 -11.20 45.49 -7.92
CA ALA B 57 -11.45 46.72 -7.20
C ALA B 57 -12.92 47.14 -7.20
N HIS B 58 -13.73 46.54 -8.06
CA HIS B 58 -15.12 46.96 -8.17
C HIS B 58 -16.14 45.88 -7.79
N TRP B 59 -15.89 44.64 -8.18
CA TRP B 59 -16.82 43.56 -7.86
C TRP B 59 -16.66 43.09 -6.43
N ILE B 60 -17.09 43.92 -5.49
CA ILE B 60 -16.93 43.62 -4.06
C ILE B 60 -17.87 42.52 -3.60
N ASP B 61 -19.18 42.77 -3.66
CA ASP B 61 -20.18 41.80 -3.27
C ASP B 61 -20.61 40.97 -4.48
N MET B 62 -20.29 39.69 -4.46
CA MET B 62 -20.49 38.85 -5.64
C MET B 62 -21.85 38.18 -5.71
N ARG B 63 -22.77 38.59 -4.84
CA ARG B 63 -24.13 38.07 -4.92
C ARG B 63 -24.95 38.97 -5.85
N PRO B 64 -25.84 38.36 -6.64
CA PRO B 64 -26.66 39.07 -7.63
C PRO B 64 -27.44 40.23 -7.03
N ASN B 65 -27.68 41.28 -7.81
CA ASN B 65 -28.42 42.43 -7.34
C ASN B 65 -29.88 42.10 -7.03
N SER B 66 -30.31 40.92 -7.46
CA SER B 66 -31.64 40.41 -7.13
C SER B 66 -31.77 40.21 -5.62
N LEU B 67 -30.64 39.97 -4.97
CA LEU B 67 -30.61 39.77 -3.53
C LEU B 67 -30.38 41.08 -2.79
N LYS B 68 -29.67 42.00 -3.44
CA LYS B 68 -29.39 43.31 -2.85
C LYS B 68 -30.65 44.17 -2.77
N ASP B 69 -30.89 44.76 -1.61
CA ASP B 69 -32.04 45.62 -1.40
C ASP B 69 -31.83 46.57 -0.23
#